data_7B3D
#
_entry.id   7B3D
#
loop_
_entity.id
_entity.type
_entity.pdbx_description
1 polymer 'SARS-CoV-2 RNA-dependent RNA polymerase nsp12'
2 polymer 'SARS-CoV-2 nsp8'
3 polymer 'SARS-CoV-2 nsp7'
4 polymer "RNA (5'-R(P*CP*UP*AP*CP*GP*CP*AP*GP*UP*G)-3')"
5 polymer "RNA (5'-R(P*UP*GP*CP*AP*CP*UP*GP*CP*GP*UP*AP*G)-3')"
6 non-polymer 'ZINC ION'
#
loop_
_entity_poly.entity_id
_entity_poly.type
_entity_poly.pdbx_seq_one_letter_code
_entity_poly.pdbx_strand_id
1 'polypeptide(L)'
;SNASADAQSFLNRVCGVSAARLTPCGTGTSTDVVYRAFDIYNDKVAGFAKFLKTNCCRFQEKDEDDNLIDSYFVVKRHTF
SNYQHEETIYNLLKDCPAVAKHDFFKFRIDGDMVPHISRQRLTKYTMADLVYALRHFDEGNCDTLKEILVTYNCCDDDYF
NKKDWYDFVENPDILRVYANLGERVRQALLKTVQFCDAMRNAGIVGVLTLDNQDLNGNWYDFGDFIQTTPGSGVPVVDSY
YSLLMPILTLTRALTAESHVDTDLTKPYIKWDLLKYDFTEERLKLFDRYFKYWDQTYHPNCVNCLDDRCILHCANFNVLF
STVFPPTSFGPLVRKIFVDGVPFVVSTGYHFRELGVVHNQDVNLHSSRLSFKELLVYAADPAMHAASGNLLLDKRTTCFS
VAALTNNVAFQTVKPGNFNKDFYDFAVSKGFFKEGSSVELKHFFFAQDGNAAISDYDYYRYNLPTMCDIRQLLFVVEVVD
KYFDCYDGGCINANQVIVNNLDKSAGFPFNKWGKARLYYDSMSYEDQDALFAYTKRNVIPTITQMNLKYAISAKNRARTV
AGVSICSTMTNRQFHQKLLKSIAATRGATVVIGTSKFYGGWHNMLKTVYSDVENPHLMGWDYPKCDRAMPNMLRIMASLV
LARKHTTCCSLSHRFYRLANECAQVLSEMVMCGGSLYVKPGGTSSGDATTAYANSVFNICQAVTANVNALLSTDGNKIAD
KYVRNLQHRLYECLYRNRDVDTDFVNEFYAYLRKHFSMMILSDDAVVCFNSTYASQGLVASIKNFKSVLYYQNNVFMSEA
KCWTETDLTKGPHEFCSQHTMLVKQGDDYVYLPYPDPSRILGAGCFVDDIVKTDGTLMIERFVSLAIDAYPLTKHPNQEY
ADVFHLYLQYIRKLHDELTGHMLDMYSVMLTNDNTSRYWEPEFYEAMYTPHTVLQ
;
A
2 'polypeptide(L)'
;SNAAIASEFSSLPSYAAFATAQEAYEQAVANGDSEVVLKKLKKSLNVAKSEFDRDAAMQRKLEKMADQAMTQMYKQARSE
DKRAKVTSAMQTMLFTMLRKLDNDALNNIINNARDGCVPLNIIPLTTAAKLMVVIPDYNTYKNTCDGTTFTYASALWEIQ
QVVDADSKIVQLSEISMDNSPNLAWPLIVTALRANSAVKLQ
;
B
3 'polypeptide(L)'
;SNASKMSDVKCTSVVLLSVLQQLRVESSSKLWAQCVQLHNDILLAKDTTEAFEKMVSLLSVLLSMQGAVDINKLCEEMLD
NRATLQ
;
C
4 'polyribonucleotide' UGAGCCUACGCAGUG P
5 'polyribonucleotide' UUUUCAUGCACUGCGUAGGCUCAUACCGUAUUGAGACCUUUUGGUCUCAAUACGGUA T
#
loop_
_chem_comp.id
_chem_comp.type
_chem_comp.name
_chem_comp.formula
A RNA linking ADENOSINE-5'-MONOPHOSPHATE 'C10 H14 N5 O7 P'
C RNA linking CYTIDINE-5'-MONOPHOSPHATE 'C9 H14 N3 O8 P'
G RNA linking GUANOSINE-5'-MONOPHOSPHATE 'C10 H14 N5 O8 P'
U RNA linking URIDINE-5'-MONOPHOSPHATE 'C9 H13 N2 O9 P'
ZN non-polymer 'ZINC ION' 'Zn 2'
#
# COMPACT_ATOMS: atom_id res chain seq x y z
N VAL A 34 27.56 -17.55 26.31
CA VAL A 34 27.07 -17.02 25.04
C VAL A 34 25.79 -16.21 25.26
N TYR A 35 25.26 -15.64 24.19
CA TYR A 35 24.17 -14.67 24.27
C TYR A 35 22.84 -15.34 24.01
N ARG A 36 21.89 -15.13 24.92
CA ARG A 36 20.50 -15.54 24.75
C ARG A 36 19.58 -14.35 24.97
N ALA A 37 18.45 -14.35 24.26
CA ALA A 37 17.49 -13.27 24.39
C ALA A 37 16.75 -13.35 25.72
N PHE A 38 16.65 -12.23 26.42
CA PHE A 38 15.95 -12.14 27.69
C PHE A 38 15.12 -10.86 27.72
N ASP A 39 13.93 -10.96 28.30
CA ASP A 39 13.08 -9.81 28.59
C ASP A 39 13.16 -9.56 30.09
N ILE A 40 13.89 -8.52 30.47
CA ILE A 40 14.21 -8.26 31.87
C ILE A 40 13.57 -6.95 32.30
N TYR A 41 13.15 -6.90 33.56
CA TYR A 41 12.64 -5.69 34.18
C TYR A 41 13.02 -5.67 35.65
N ASN A 42 13.65 -4.58 36.09
CA ASN A 42 14.00 -4.37 37.48
C ASN A 42 14.49 -2.93 37.61
N ASP A 43 14.88 -2.55 38.83
CA ASP A 43 15.36 -1.20 39.07
C ASP A 43 16.64 -0.92 38.29
N LYS A 44 17.55 -1.90 38.23
CA LYS A 44 18.86 -1.66 37.64
C LYS A 44 18.75 -1.49 36.12
N VAL A 45 18.01 -2.38 35.45
CA VAL A 45 17.95 -2.39 33.99
C VAL A 45 16.59 -2.94 33.56
N ALA A 46 16.19 -2.58 32.34
CA ALA A 46 14.95 -3.07 31.77
C ALA A 46 15.07 -3.10 30.26
N GLY A 47 14.34 -4.02 29.63
CA GLY A 47 14.33 -4.14 28.19
C GLY A 47 14.35 -5.56 27.69
N PHE A 48 14.18 -5.74 26.38
CA PHE A 48 14.18 -7.04 25.72
C PHE A 48 15.42 -7.09 24.83
N ALA A 49 16.46 -7.80 25.28
CA ALA A 49 17.73 -7.77 24.59
C ALA A 49 18.51 -9.05 24.88
N LYS A 50 19.62 -9.22 24.17
CA LYS A 50 20.47 -10.38 24.38
C LYS A 50 21.43 -10.16 25.53
N PHE A 51 21.55 -11.18 26.38
CA PHE A 51 22.39 -11.13 27.57
C PHE A 51 23.25 -12.39 27.65
N LEU A 52 24.36 -12.27 28.37
CA LEU A 52 25.24 -13.39 28.66
C LEU A 52 24.79 -14.01 29.97
N LYS A 53 24.14 -15.16 29.90
CA LYS A 53 23.63 -15.83 31.09
C LYS A 53 23.68 -17.35 30.92
N ARG A 121 12.90 -32.25 30.73
CA ARG A 121 14.09 -31.66 30.13
C ARG A 121 13.74 -30.34 29.43
N LEU A 122 14.77 -29.54 29.14
CA LEU A 122 14.60 -28.22 28.56
C LEU A 122 15.22 -28.17 27.17
N THR A 123 14.56 -27.44 26.27
CA THR A 123 15.06 -27.28 24.91
C THR A 123 16.18 -26.25 24.87
N LYS A 124 16.98 -26.31 23.80
CA LYS A 124 18.10 -25.40 23.66
C LYS A 124 17.63 -23.95 23.53
N TYR A 125 16.56 -23.72 22.78
CA TYR A 125 16.07 -22.38 22.50
C TYR A 125 14.70 -22.17 23.15
N THR A 126 14.42 -20.92 23.50
CA THR A 126 13.16 -20.53 24.12
C THR A 126 12.33 -19.70 23.15
N MET A 127 11.11 -19.39 23.59
CA MET A 127 10.23 -18.55 22.77
C MET A 127 10.79 -17.14 22.62
N ALA A 128 11.47 -16.64 23.64
CA ALA A 128 12.09 -15.31 23.54
C ALA A 128 13.12 -15.28 22.42
N ASP A 129 13.87 -16.36 22.24
CA ASP A 129 14.84 -16.42 21.16
C ASP A 129 14.15 -16.31 19.80
N LEU A 130 13.05 -17.04 19.62
CA LEU A 130 12.32 -16.97 18.36
C LEU A 130 11.75 -15.58 18.12
N VAL A 131 11.19 -14.96 19.16
CA VAL A 131 10.62 -13.63 19.00
C VAL A 131 11.70 -12.62 18.65
N TYR A 132 12.85 -12.71 19.33
CA TYR A 132 13.96 -11.80 19.03
C TYR A 132 14.45 -12.02 17.60
N ALA A 133 14.59 -13.27 17.18
CA ALA A 133 15.07 -13.54 15.83
C ALA A 133 14.12 -12.99 14.78
N LEU A 134 12.81 -13.16 14.98
CA LEU A 134 11.84 -12.70 14.00
C LEU A 134 11.54 -11.21 14.10
N ARG A 135 11.93 -10.56 15.20
CA ARG A 135 11.71 -9.13 15.36
C ARG A 135 12.98 -8.30 15.20
N HIS A 136 14.16 -8.91 15.35
CA HIS A 136 15.45 -8.27 15.08
C HIS A 136 16.13 -9.16 14.04
N PHE A 137 15.83 -8.91 12.77
CA PHE A 137 16.28 -9.77 11.67
C PHE A 137 17.43 -9.09 10.94
N ASP A 138 18.57 -9.77 10.85
CA ASP A 138 19.72 -9.33 10.08
C ASP A 138 20.23 -10.50 9.27
N GLU A 139 20.24 -10.36 7.94
CA GLU A 139 20.66 -11.46 7.08
C GLU A 139 22.07 -11.93 7.43
N GLY A 140 22.92 -11.02 7.89
CA GLY A 140 24.29 -11.41 8.24
C GLY A 140 24.33 -12.38 9.41
N ASN A 141 23.42 -12.21 10.37
CA ASN A 141 23.37 -13.02 11.59
C ASN A 141 21.98 -13.62 11.69
N CYS A 142 21.80 -14.81 11.11
CA CYS A 142 20.55 -15.56 11.20
C CYS A 142 20.78 -16.96 11.75
N ASP A 143 21.86 -17.17 12.50
CA ASP A 143 22.20 -18.52 12.96
C ASP A 143 21.10 -19.07 13.84
N THR A 144 20.60 -18.27 14.79
CA THR A 144 19.57 -18.75 15.70
C THR A 144 18.30 -19.11 14.94
N LEU A 145 17.87 -18.24 14.01
CA LEU A 145 16.66 -18.51 13.24
C LEU A 145 16.83 -19.75 12.38
N LYS A 146 17.99 -19.89 11.73
CA LYS A 146 18.23 -21.07 10.89
C LYS A 146 18.21 -22.34 11.71
N GLU A 147 18.86 -22.33 12.87
CA GLU A 147 18.88 -23.53 13.72
C GLU A 147 17.49 -23.86 14.22
N ILE A 148 16.70 -22.85 14.61
CA ILE A 148 15.33 -23.11 15.05
C ILE A 148 14.51 -23.71 13.93
N LEU A 149 14.63 -23.15 12.71
CA LEU A 149 13.86 -23.67 11.59
C LEU A 149 14.25 -25.10 11.26
N VAL A 150 15.55 -25.41 11.27
CA VAL A 150 16.01 -26.74 10.89
C VAL A 150 15.64 -27.75 11.96
N THR A 151 15.78 -27.39 13.23
CA THR A 151 15.57 -28.36 14.31
C THR A 151 14.14 -28.88 14.33
N TYR A 152 13.18 -28.01 14.03
CA TYR A 152 11.76 -28.36 14.11
C TYR A 152 11.16 -28.72 12.76
N ASN A 153 11.99 -29.06 11.78
CA ASN A 153 11.55 -29.57 10.48
C ASN A 153 10.77 -28.53 9.68
N CYS A 154 10.96 -27.24 9.97
CA CYS A 154 10.32 -26.21 9.15
C CYS A 154 10.87 -26.23 7.74
N CYS A 155 12.18 -26.44 7.58
CA CYS A 155 12.81 -26.54 6.28
C CYS A 155 14.13 -27.27 6.45
N ASP A 156 14.87 -27.40 5.35
CA ASP A 156 16.16 -28.06 5.33
C ASP A 156 17.27 -27.03 5.17
N ASP A 157 18.50 -27.47 5.45
CA ASP A 157 19.65 -26.58 5.33
C ASP A 157 19.83 -26.10 3.90
N ASP A 158 19.54 -26.94 2.92
CA ASP A 158 19.67 -26.54 1.52
C ASP A 158 18.84 -25.30 1.22
N TYR A 159 17.71 -25.13 1.91
CA TYR A 159 16.89 -23.94 1.70
C TYR A 159 17.70 -22.67 1.89
N PHE A 160 18.63 -22.67 2.86
CA PHE A 160 19.44 -21.50 3.14
C PHE A 160 20.52 -21.28 2.09
N ASN A 161 20.87 -22.30 1.32
CA ASN A 161 21.83 -22.10 0.23
C ASN A 161 21.29 -21.12 -0.79
N LYS A 162 20.02 -21.23 -1.14
CA LYS A 162 19.39 -20.28 -2.03
C LYS A 162 19.48 -18.87 -1.44
N LYS A 163 19.85 -17.91 -2.27
CA LYS A 163 19.94 -16.53 -1.84
C LYS A 163 18.56 -15.86 -1.92
N ASP A 164 18.39 -14.81 -1.13
CA ASP A 164 17.12 -14.10 -1.01
C ASP A 164 16.01 -15.00 -0.50
N TRP A 165 16.36 -16.05 0.23
CA TRP A 165 15.35 -16.94 0.79
C TRP A 165 14.48 -16.20 1.81
N TYR A 166 15.08 -15.32 2.60
CA TYR A 166 14.32 -14.59 3.60
C TYR A 166 13.36 -13.59 2.96
N ASP A 167 13.74 -13.02 1.82
CA ASP A 167 12.90 -11.98 1.20
C ASP A 167 11.53 -12.54 0.85
N PHE A 168 10.48 -11.80 1.23
CA PHE A 168 9.12 -12.21 0.90
C PHE A 168 8.81 -11.99 -0.58
N VAL A 169 9.22 -10.85 -1.11
CA VAL A 169 8.91 -10.53 -2.51
C VAL A 169 9.63 -11.48 -3.45
N GLU A 170 10.94 -11.67 -3.24
CA GLU A 170 11.71 -12.53 -4.14
C GLU A 170 11.39 -14.00 -3.91
N ASN A 171 11.19 -14.40 -2.65
CA ASN A 171 10.92 -15.80 -2.30
C ASN A 171 9.67 -15.84 -1.42
N PRO A 172 8.47 -15.79 -2.02
CA PRO A 172 7.26 -15.92 -1.20
C PRO A 172 7.14 -17.26 -0.50
N ASP A 173 7.85 -18.29 -0.98
CA ASP A 173 7.77 -19.61 -0.36
C ASP A 173 8.20 -19.57 1.10
N ILE A 174 8.97 -18.56 1.50
CA ILE A 174 9.37 -18.45 2.91
C ILE A 174 8.12 -18.37 3.79
N LEU A 175 7.05 -17.73 3.31
CA LEU A 175 5.82 -17.67 4.08
C LEU A 175 5.35 -19.07 4.47
N ARG A 176 5.52 -20.03 3.56
CA ARG A 176 5.17 -21.41 3.89
C ARG A 176 6.06 -21.95 5.00
N VAL A 177 7.36 -21.71 4.92
CA VAL A 177 8.29 -22.27 5.90
C VAL A 177 7.93 -21.78 7.30
N TYR A 178 7.75 -20.47 7.45
CA TYR A 178 7.33 -19.93 8.75
C TYR A 178 6.03 -20.57 9.20
N ALA A 179 5.11 -20.80 8.26
CA ALA A 179 3.83 -21.41 8.62
C ALA A 179 4.02 -22.77 9.27
N ASN A 180 5.07 -23.50 8.88
CA ASN A 180 5.31 -24.81 9.47
C ASN A 180 5.52 -24.72 10.97
N LEU A 181 5.93 -23.56 11.47
CA LEU A 181 6.12 -23.37 12.91
C LEU A 181 4.85 -22.88 13.61
N GLY A 182 3.90 -22.33 12.86
CA GLY A 182 2.77 -21.66 13.49
C GLY A 182 2.02 -22.57 14.45
N GLU A 183 1.74 -23.80 14.01
CA GLU A 183 1.05 -24.74 14.88
C GLU A 183 1.75 -24.84 16.23
N ARG A 184 3.07 -25.02 16.21
CA ARG A 184 3.82 -25.08 17.47
C ARG A 184 3.50 -23.87 18.32
N VAL A 185 3.61 -22.67 17.74
CA VAL A 185 3.32 -21.45 18.49
C VAL A 185 1.92 -21.54 19.08
N ARG A 186 0.95 -21.95 18.27
CA ARG A 186 -0.42 -22.07 18.77
C ARG A 186 -0.44 -22.93 20.03
N GLN A 187 0.20 -24.09 19.97
CA GLN A 187 0.24 -24.97 21.14
C GLN A 187 0.74 -24.20 22.35
N ALA A 188 1.86 -23.50 22.20
CA ALA A 188 2.41 -22.73 23.32
C ALA A 188 1.34 -21.84 23.93
N LEU A 189 0.63 -21.10 23.08
CA LEU A 189 -0.41 -20.21 23.59
C LEU A 189 -1.36 -20.97 24.51
N LEU A 190 -1.89 -22.10 24.02
CA LEU A 190 -2.80 -22.89 24.84
C LEU A 190 -2.15 -23.23 26.17
N LYS A 191 -0.92 -23.76 26.11
CA LYS A 191 -0.24 -24.12 27.35
C LYS A 191 -0.13 -22.91 28.26
N THR A 192 0.22 -21.75 27.70
CA THR A 192 0.31 -20.54 28.52
C THR A 192 -0.96 -20.35 29.31
N VAL A 193 -2.12 -20.43 28.64
CA VAL A 193 -3.39 -20.25 29.35
C VAL A 193 -3.48 -21.23 30.50
N GLN A 194 -3.19 -22.50 30.23
CA GLN A 194 -3.22 -23.50 31.30
C GLN A 194 -2.36 -23.04 32.47
N PHE A 195 -1.13 -22.65 32.18
CA PHE A 195 -0.24 -22.19 33.24
C PHE A 195 -0.92 -21.09 34.05
N CYS A 196 -1.45 -20.08 33.35
CA CYS A 196 -2.13 -19.00 34.06
C CYS A 196 -3.21 -19.55 34.98
N ASP A 197 -4.05 -20.45 34.46
CA ASP A 197 -5.09 -21.04 35.28
C ASP A 197 -4.50 -21.64 36.54
N ALA A 198 -3.44 -22.44 36.39
CA ALA A 198 -2.81 -23.05 37.55
C ALA A 198 -2.45 -21.98 38.58
N MET A 199 -1.81 -20.90 38.12
CA MET A 199 -1.45 -19.83 39.02
C MET A 199 -2.67 -19.26 39.72
N ARG A 200 -3.74 -19.02 38.96
CA ARG A 200 -4.97 -18.51 39.57
C ARG A 200 -5.50 -19.49 40.61
N ASN A 201 -5.34 -20.79 40.37
CA ASN A 201 -5.77 -21.78 41.34
C ASN A 201 -4.83 -21.86 42.53
N ALA A 202 -3.56 -21.51 42.34
CA ALA A 202 -2.56 -21.60 43.40
C ALA A 202 -2.35 -20.29 44.14
N GLY A 203 -3.12 -19.25 43.81
CA GLY A 203 -2.94 -17.96 44.46
C GLY A 203 -1.55 -17.38 44.24
N ILE A 204 -1.05 -17.46 43.01
CA ILE A 204 0.30 -17.02 42.67
C ILE A 204 0.19 -15.77 41.81
N VAL A 205 0.94 -14.73 42.18
CA VAL A 205 1.00 -13.48 41.45
C VAL A 205 2.42 -13.33 40.91
N GLY A 206 2.53 -13.18 39.59
CA GLY A 206 3.83 -13.06 38.97
C GLY A 206 3.70 -12.58 37.54
N VAL A 207 4.85 -12.26 36.95
CA VAL A 207 4.93 -11.77 35.58
C VAL A 207 5.50 -12.88 34.71
N LEU A 208 4.81 -13.17 33.61
CA LEU A 208 5.24 -14.19 32.67
C LEU A 208 6.07 -13.56 31.56
N THR A 209 7.25 -14.11 31.30
CA THR A 209 8.17 -13.60 30.31
C THR A 209 8.38 -14.63 29.22
N LEU A 210 8.62 -14.14 27.99
CA LEU A 210 8.80 -15.04 26.86
C LEU A 210 10.02 -15.93 27.03
N ASP A 211 11.02 -15.47 27.79
CA ASP A 211 12.27 -16.21 27.93
C ASP A 211 12.18 -17.37 28.90
N ASN A 212 11.08 -17.52 29.63
CA ASN A 212 10.88 -18.64 30.55
C ASN A 212 10.03 -19.75 29.96
N GLN A 213 9.64 -19.65 28.70
CA GLN A 213 8.85 -20.68 28.03
C GLN A 213 9.68 -21.25 26.89
N ASP A 214 9.88 -22.57 26.91
CA ASP A 214 10.60 -23.23 25.83
C ASP A 214 9.72 -23.33 24.59
N LEU A 215 10.34 -23.68 23.46
CA LEU A 215 9.61 -23.79 22.22
C LEU A 215 8.64 -24.98 22.21
N ASN A 216 8.73 -25.87 23.19
CA ASN A 216 7.73 -26.91 23.36
C ASN A 216 6.51 -26.44 24.15
N GLY A 217 6.52 -25.20 24.64
CA GLY A 217 5.39 -24.63 25.33
C GLY A 217 5.40 -24.79 26.83
N ASN A 218 6.36 -25.53 27.38
CA ASN A 218 6.40 -25.75 28.83
C ASN A 218 6.99 -24.55 29.54
N TRP A 219 6.43 -24.23 30.71
CA TRP A 219 6.88 -23.13 31.53
C TRP A 219 7.72 -23.69 32.67
N TYR A 220 8.96 -23.21 32.80
CA TYR A 220 9.92 -23.76 33.76
C TYR A 220 10.39 -22.71 34.77
N ASP A 221 9.61 -21.65 34.98
CA ASP A 221 9.97 -20.58 35.91
C ASP A 221 9.09 -20.65 37.15
N PHE A 222 9.72 -20.60 38.32
CA PHE A 222 9.01 -20.55 39.60
C PHE A 222 9.59 -19.44 40.48
N GLY A 223 10.18 -18.43 39.86
CA GLY A 223 10.74 -17.30 40.59
C GLY A 223 9.89 -16.07 40.42
N ASP A 224 9.97 -15.14 41.38
CA ASP A 224 9.11 -13.95 41.46
C ASP A 224 7.67 -14.32 41.80
N PHE A 225 7.40 -15.59 42.10
CA PHE A 225 6.06 -16.05 42.43
C PHE A 225 5.85 -15.93 43.94
N ILE A 226 4.85 -15.17 44.34
CA ILE A 226 4.54 -14.92 45.75
C ILE A 226 3.17 -15.51 46.06
N GLN A 227 3.11 -16.32 47.10
CA GLN A 227 1.86 -16.96 47.48
C GLN A 227 0.85 -15.92 47.96
N THR A 228 -0.41 -16.11 47.59
CA THR A 228 -1.51 -15.24 48.02
C THR A 228 -2.71 -16.13 48.31
N THR A 229 -3.87 -15.50 48.49
CA THR A 229 -5.08 -16.25 48.75
C THR A 229 -5.40 -17.13 47.54
N PRO A 230 -5.71 -18.42 47.73
CA PRO A 230 -6.01 -19.27 46.58
C PRO A 230 -7.20 -18.75 45.80
N GLY A 231 -7.12 -18.85 44.48
CA GLY A 231 -8.16 -18.33 43.60
C GLY A 231 -8.03 -16.86 43.29
N SER A 232 -7.06 -16.16 43.86
CA SER A 232 -6.88 -14.73 43.64
C SER A 232 -5.65 -14.41 42.80
N GLY A 233 -4.94 -15.42 42.29
CA GLY A 233 -3.77 -15.18 41.47
C GLY A 233 -4.09 -14.38 40.22
N VAL A 234 -3.28 -13.37 39.94
CA VAL A 234 -3.48 -12.51 38.77
C VAL A 234 -2.15 -12.37 38.03
N PRO A 235 -1.85 -13.21 37.04
CA PRO A 235 -0.58 -13.07 36.33
C PRO A 235 -0.57 -11.87 35.40
N VAL A 236 0.63 -11.38 35.13
CA VAL A 236 0.86 -10.27 34.21
C VAL A 236 1.37 -10.84 32.90
N VAL A 237 0.64 -10.58 31.81
CA VAL A 237 0.95 -11.17 30.52
C VAL A 237 1.06 -10.08 29.45
N ASP A 238 1.21 -8.83 29.87
CA ASP A 238 1.29 -7.74 28.89
C ASP A 238 2.51 -7.89 28.01
N SER A 239 3.70 -8.03 28.61
CA SER A 239 4.92 -8.12 27.82
C SER A 239 4.92 -9.38 26.96
N TYR A 240 4.58 -10.52 27.54
CA TYR A 240 4.60 -11.78 26.82
C TYR A 240 3.73 -11.71 25.57
N TYR A 241 2.43 -11.48 25.75
CA TYR A 241 1.50 -11.47 24.63
C TYR A 241 1.84 -10.35 23.65
N SER A 242 2.18 -9.16 24.16
CA SER A 242 2.45 -8.04 23.28
C SER A 242 3.65 -8.32 22.39
N LEU A 243 4.71 -8.89 22.95
CA LEU A 243 5.89 -9.22 22.16
C LEU A 243 5.62 -10.36 21.19
N LEU A 244 4.75 -11.30 21.59
CA LEU A 244 4.47 -12.45 20.73
C LEU A 244 3.46 -12.16 19.62
N MET A 245 2.71 -11.06 19.72
CA MET A 245 1.68 -10.77 18.71
C MET A 245 2.20 -10.77 17.28
N PRO A 246 3.31 -10.10 16.94
CA PRO A 246 3.75 -10.09 15.54
C PRO A 246 4.02 -11.49 14.98
N ILE A 247 4.51 -12.41 15.80
CA ILE A 247 4.85 -13.74 15.31
C ILE A 247 3.61 -14.53 14.92
N LEU A 248 2.47 -14.26 15.58
CA LEU A 248 1.29 -15.09 15.38
C LEU A 248 0.81 -15.05 13.94
N THR A 249 0.76 -13.86 13.34
CA THR A 249 0.28 -13.75 11.96
C THR A 249 1.33 -14.24 10.97
N LEU A 250 2.60 -13.93 11.22
CA LEU A 250 3.65 -14.36 10.30
C LEU A 250 3.70 -15.87 10.18
N THR A 251 3.56 -16.57 11.30
CA THR A 251 3.55 -18.03 11.31
C THR A 251 2.16 -18.62 11.09
N ARG A 252 1.12 -17.80 11.04
CA ARG A 252 -0.25 -18.26 10.82
C ARG A 252 -0.61 -19.36 11.82
N ALA A 253 -0.52 -19.00 13.10
CA ALA A 253 -0.72 -19.97 14.17
C ALA A 253 -2.15 -20.49 14.20
N LEU A 254 -3.13 -19.62 13.94
CA LEU A 254 -4.53 -19.97 14.11
C LEU A 254 -5.13 -20.65 12.88
N THR A 255 -4.28 -21.16 11.98
CA THR A 255 -4.81 -21.80 10.77
C THR A 255 -5.66 -23.01 11.14
N ALA A 256 -5.27 -23.75 12.17
CA ALA A 256 -6.03 -24.91 12.58
C ALA A 256 -7.47 -24.55 12.91
N GLU A 257 -7.72 -23.30 13.32
CA GLU A 257 -9.08 -22.90 13.65
C GLU A 257 -10.01 -22.97 12.45
N SER A 258 -9.47 -23.02 11.23
CA SER A 258 -10.29 -23.14 10.03
C SER A 258 -10.72 -24.57 9.74
N HIS A 259 -10.29 -25.53 10.54
CA HIS A 259 -10.61 -26.94 10.34
C HIS A 259 -11.55 -27.43 11.43
N VAL A 260 -12.30 -28.48 11.10
CA VAL A 260 -13.25 -29.04 12.05
C VAL A 260 -12.50 -29.59 13.26
N ASP A 261 -12.99 -29.26 14.46
CA ASP A 261 -12.39 -29.68 15.72
C ASP A 261 -10.97 -29.16 15.90
N THR A 262 -10.62 -28.09 15.16
CA THR A 262 -9.30 -27.47 15.28
C THR A 262 -8.19 -28.49 15.04
N ASP A 263 -8.36 -29.30 14.00
CA ASP A 263 -7.37 -30.30 13.62
C ASP A 263 -7.04 -30.10 12.14
N LEU A 264 -5.75 -29.92 11.85
CA LEU A 264 -5.34 -29.64 10.47
C LEU A 264 -5.67 -30.81 9.55
N THR A 265 -5.51 -32.04 10.04
CA THR A 265 -5.74 -33.21 9.19
C THR A 265 -7.19 -33.28 8.73
N LYS A 266 -8.13 -32.99 9.63
CA LYS A 266 -9.55 -33.12 9.30
C LYS A 266 -9.99 -31.99 8.38
N PRO A 267 -11.08 -32.18 7.65
CA PRO A 267 -11.47 -31.22 6.61
C PRO A 267 -11.74 -29.83 7.17
N TYR A 268 -11.91 -28.88 6.24
CA TYR A 268 -12.21 -27.51 6.62
C TYR A 268 -13.66 -27.38 7.08
N ILE A 269 -13.91 -26.36 7.89
CA ILE A 269 -15.26 -26.08 8.36
C ILE A 269 -16.06 -25.45 7.23
N LYS A 270 -17.25 -25.98 6.97
CA LYS A 270 -18.12 -25.48 5.92
C LYS A 270 -19.15 -24.55 6.57
N TRP A 271 -18.81 -23.27 6.66
CA TRP A 271 -19.72 -22.28 7.21
C TRP A 271 -20.85 -21.99 6.22
N ASP A 272 -21.99 -21.58 6.76
CA ASP A 272 -23.10 -21.17 5.91
C ASP A 272 -22.67 -20.00 5.04
N LEU A 273 -22.96 -20.10 3.74
CA LEU A 273 -22.53 -19.07 2.81
C LEU A 273 -23.17 -17.72 3.14
N LEU A 274 -24.38 -17.73 3.67
CA LEU A 274 -25.09 -16.49 4.00
C LEU A 274 -24.65 -15.90 5.34
N LYS A 275 -23.94 -16.66 6.17
CA LYS A 275 -23.53 -16.15 7.47
C LYS A 275 -22.50 -15.05 7.31
N TYR A 276 -22.65 -13.99 8.10
CA TYR A 276 -21.72 -12.87 8.10
C TYR A 276 -21.33 -12.39 9.49
N ASP A 277 -22.05 -12.78 10.54
CA ASP A 277 -21.76 -12.36 11.90
C ASP A 277 -21.03 -13.47 12.63
N PHE A 278 -19.80 -13.18 13.08
CA PHE A 278 -18.97 -14.14 13.78
C PHE A 278 -18.59 -13.63 15.18
N THR A 279 -19.47 -12.82 15.77
CA THR A 279 -19.16 -12.23 17.07
C THR A 279 -18.91 -13.31 18.12
N GLU A 280 -19.78 -14.32 18.15
CA GLU A 280 -19.61 -15.40 19.11
C GLU A 280 -18.31 -16.15 18.89
N GLU A 281 -17.95 -16.37 17.62
CA GLU A 281 -16.68 -17.03 17.32
C GLU A 281 -15.51 -16.19 17.79
N ARG A 282 -15.59 -14.86 17.61
CA ARG A 282 -14.51 -13.99 18.09
C ARG A 282 -14.38 -14.06 19.61
N LEU A 283 -15.51 -14.01 20.32
CA LEU A 283 -15.45 -14.15 21.78
C LEU A 283 -14.85 -15.48 22.18
N LYS A 284 -15.24 -16.56 21.49
CA LYS A 284 -14.74 -17.89 21.84
C LYS A 284 -13.24 -17.99 21.61
N LEU A 285 -12.76 -17.47 20.48
CA LEU A 285 -11.32 -17.47 20.20
C LEU A 285 -10.56 -16.65 21.23
N PHE A 286 -11.08 -15.46 21.57
CA PHE A 286 -10.40 -14.62 22.54
C PHE A 286 -10.35 -15.30 23.90
N ASP A 287 -11.44 -15.94 24.30
CA ASP A 287 -11.48 -16.62 25.60
C ASP A 287 -10.52 -17.80 25.62
N ARG A 288 -10.41 -18.54 24.52
CA ARG A 288 -9.53 -19.70 24.51
C ARG A 288 -8.06 -19.31 24.47
N TYR A 289 -7.72 -18.25 23.73
CA TYR A 289 -6.32 -17.87 23.52
C TYR A 289 -5.88 -16.76 24.46
N PHE A 290 -6.56 -15.61 24.42
CA PHE A 290 -6.23 -14.47 25.27
C PHE A 290 -7.21 -14.37 26.43
N LYS A 291 -7.22 -15.41 27.27
CA LYS A 291 -8.18 -15.48 28.36
C LYS A 291 -7.87 -14.44 29.43
N TYR A 292 -6.59 -14.23 29.75
CA TYR A 292 -6.18 -13.39 30.85
C TYR A 292 -5.74 -12.00 30.41
N TRP A 293 -6.02 -11.62 29.17
CA TRP A 293 -5.84 -10.24 28.73
C TRP A 293 -6.93 -9.39 29.36
N ASP A 294 -6.58 -8.67 30.42
CA ASP A 294 -7.60 -8.00 31.25
C ASP A 294 -8.36 -6.95 30.46
N GLN A 295 -7.73 -6.31 29.48
CA GLN A 295 -8.40 -5.25 28.75
C GLN A 295 -9.60 -5.78 27.98
N THR A 296 -10.69 -5.03 28.02
CA THR A 296 -11.91 -5.43 27.34
C THR A 296 -11.71 -5.44 25.83
N TYR A 297 -12.23 -6.47 25.18
CA TYR A 297 -12.13 -6.63 23.74
C TYR A 297 -13.52 -6.55 23.12
N HIS A 298 -13.68 -5.67 22.14
CA HIS A 298 -14.95 -5.49 21.44
C HIS A 298 -14.83 -6.03 20.03
N PRO A 299 -15.45 -7.17 19.69
CA PRO A 299 -15.35 -7.65 18.30
C PRO A 299 -15.84 -6.64 17.28
N ASN A 300 -16.90 -5.89 17.61
CA ASN A 300 -17.41 -4.84 16.76
C ASN A 300 -16.90 -3.51 17.29
N CYS A 301 -16.14 -2.79 16.45
CA CYS A 301 -15.53 -1.54 16.87
C CYS A 301 -16.55 -0.43 17.07
N VAL A 302 -17.81 -0.65 16.69
CA VAL A 302 -18.85 0.36 16.94
C VAL A 302 -18.95 0.66 18.43
N ASN A 303 -18.59 -0.30 19.28
CA ASN A 303 -18.70 -0.17 20.73
C ASN A 303 -17.34 0.04 21.38
N CYS A 304 -16.47 0.79 20.72
CA CYS A 304 -15.14 1.08 21.23
C CYS A 304 -15.15 2.45 21.92
N LEU A 305 -14.54 2.51 23.10
CA LEU A 305 -14.61 3.72 23.91
C LEU A 305 -13.90 4.89 23.24
N ASP A 306 -12.72 4.66 22.67
CA ASP A 306 -11.92 5.73 22.10
C ASP A 306 -11.04 5.17 20.99
N ASP A 307 -10.17 6.02 20.45
CA ASP A 307 -9.32 5.62 19.33
C ASP A 307 -8.37 4.49 19.73
N ARG A 308 -7.80 4.56 20.93
CA ARG A 308 -6.92 3.50 21.39
C ARG A 308 -7.68 2.18 21.52
N CYS A 309 -8.91 2.23 22.02
CA CYS A 309 -9.74 1.04 22.08
C CYS A 309 -10.01 0.50 20.68
N ILE A 310 -10.26 1.39 19.72
CA ILE A 310 -10.47 0.96 18.35
C ILE A 310 -9.24 0.25 17.81
N LEU A 311 -8.05 0.80 18.07
CA LEU A 311 -6.83 0.16 17.62
C LEU A 311 -6.65 -1.21 18.26
N HIS A 312 -6.91 -1.33 19.56
CA HIS A 312 -6.79 -2.62 20.25
C HIS A 312 -7.75 -3.65 19.66
N CYS A 313 -9.02 -3.27 19.51
CA CYS A 313 -10.01 -4.20 18.99
C CYS A 313 -9.71 -4.58 17.54
N ALA A 314 -9.25 -3.62 16.73
CA ALA A 314 -8.92 -3.92 15.34
C ALA A 314 -7.69 -4.83 15.26
N ASN A 315 -6.72 -4.64 16.15
CA ASN A 315 -5.57 -5.53 16.18
C ASN A 315 -6.00 -6.96 16.47
N PHE A 316 -6.90 -7.15 17.44
CA PHE A 316 -7.38 -8.50 17.71
C PHE A 316 -8.23 -9.03 16.55
N ASN A 317 -9.04 -8.18 15.94
CA ASN A 317 -9.88 -8.61 14.84
C ASN A 317 -9.06 -9.03 13.62
N VAL A 318 -7.91 -8.40 13.41
CA VAL A 318 -7.06 -8.78 12.29
C VAL A 318 -6.66 -10.24 12.42
N LEU A 319 -6.23 -10.65 13.61
CA LEU A 319 -5.88 -12.05 13.83
C LEU A 319 -7.10 -12.95 13.74
N PHE A 320 -8.22 -12.53 14.32
CA PHE A 320 -9.38 -13.41 14.37
C PHE A 320 -10.05 -13.59 13.02
N SER A 321 -9.89 -12.63 12.10
CA SER A 321 -10.61 -12.68 10.83
C SER A 321 -10.02 -13.68 9.86
N THR A 322 -8.74 -14.03 10.01
CA THR A 322 -8.13 -14.98 9.08
C THR A 322 -8.82 -16.32 9.11
N VAL A 323 -9.44 -16.67 10.24
CA VAL A 323 -10.13 -17.96 10.35
C VAL A 323 -11.40 -17.97 9.51
N PHE A 324 -12.14 -16.87 9.52
CA PHE A 324 -13.46 -16.85 8.90
C PHE A 324 -13.34 -16.84 7.37
N PRO A 325 -14.34 -17.36 6.67
CA PRO A 325 -14.28 -17.42 5.20
C PRO A 325 -14.19 -16.03 4.60
N PRO A 326 -13.42 -15.87 3.52
CA PRO A 326 -13.31 -14.53 2.90
C PRO A 326 -14.63 -14.01 2.36
N THR A 327 -15.52 -14.88 1.89
CA THR A 327 -16.76 -14.42 1.29
C THR A 327 -17.65 -13.70 2.30
N SER A 328 -17.51 -14.03 3.58
CA SER A 328 -18.36 -13.40 4.60
C SER A 328 -18.10 -11.90 4.68
N PHE A 329 -16.85 -11.49 4.56
CA PHE A 329 -16.51 -10.08 4.67
C PHE A 329 -16.97 -9.32 3.42
N GLY A 330 -17.20 -8.03 3.60
CA GLY A 330 -17.62 -7.17 2.52
C GLY A 330 -18.92 -6.46 2.82
N PRO A 331 -19.44 -5.73 1.84
CA PRO A 331 -20.71 -5.01 2.05
C PRO A 331 -21.85 -5.96 2.36
N LEU A 332 -22.74 -5.52 3.25
CA LEU A 332 -23.97 -6.24 3.56
C LEU A 332 -25.13 -5.56 2.84
N VAL A 333 -25.94 -6.34 2.15
CA VAL A 333 -26.99 -5.81 1.28
C VAL A 333 -28.32 -6.45 1.64
N ARG A 334 -29.39 -5.72 1.33
CA ARG A 334 -30.76 -6.18 1.56
C ARG A 334 -31.60 -5.87 0.33
N LYS A 335 -32.65 -6.67 0.16
CA LYS A 335 -33.65 -6.44 -0.86
C LYS A 335 -34.81 -5.65 -0.26
N ILE A 336 -35.13 -4.51 -0.87
CA ILE A 336 -36.11 -3.58 -0.33
C ILE A 336 -37.04 -3.11 -1.44
N PHE A 337 -38.15 -2.51 -1.03
CA PHE A 337 -39.14 -1.94 -1.94
C PHE A 337 -39.03 -0.43 -1.89
N VAL A 338 -38.82 0.19 -3.05
CA VAL A 338 -38.77 1.64 -3.19
C VAL A 338 -39.64 2.02 -4.38
N ASP A 339 -40.61 2.91 -4.15
CA ASP A 339 -41.51 3.36 -5.20
C ASP A 339 -42.21 2.18 -5.87
N GLY A 340 -42.55 1.18 -5.06
CA GLY A 340 -43.23 0.00 -5.59
C GLY A 340 -42.38 -0.82 -6.55
N VAL A 341 -41.06 -0.72 -6.43
CA VAL A 341 -40.15 -1.51 -7.28
C VAL A 341 -39.01 -2.04 -6.43
N PRO A 342 -38.53 -3.26 -6.74
CA PRO A 342 -37.52 -3.87 -5.86
C PRO A 342 -36.09 -3.44 -6.18
N PHE A 343 -35.34 -3.09 -5.14
CA PHE A 343 -33.94 -2.68 -5.27
C PHE A 343 -33.09 -3.42 -4.24
N VAL A 344 -31.87 -3.76 -4.63
CA VAL A 344 -30.89 -4.34 -3.73
C VAL A 344 -29.93 -3.23 -3.31
N VAL A 345 -29.91 -2.91 -2.02
CA VAL A 345 -29.16 -1.77 -1.51
C VAL A 345 -28.32 -2.21 -0.31
N SER A 346 -27.15 -1.60 -0.17
CA SER A 346 -26.27 -1.92 0.95
C SER A 346 -26.81 -1.31 2.23
N THR A 347 -26.85 -2.12 3.29
CA THR A 347 -27.32 -1.67 4.60
C THR A 347 -26.31 -1.96 5.71
N GLY A 348 -25.09 -2.34 5.36
CA GLY A 348 -24.10 -2.64 6.37
C GLY A 348 -22.79 -3.04 5.71
N TYR A 349 -21.81 -3.35 6.55
CA TYR A 349 -20.49 -3.73 6.07
C TYR A 349 -19.81 -4.60 7.11
N HIS A 350 -19.09 -5.61 6.64
CA HIS A 350 -18.31 -6.50 7.49
C HIS A 350 -16.84 -6.20 7.22
N PHE A 351 -16.15 -5.62 8.21
CA PHE A 351 -14.75 -5.28 8.12
C PHE A 351 -13.92 -6.32 8.83
N ARG A 352 -12.84 -6.77 8.18
CA ARG A 352 -11.92 -7.70 8.83
C ARG A 352 -11.32 -7.10 10.10
N GLU A 353 -11.31 -5.78 10.22
CA GLU A 353 -10.76 -5.10 11.38
C GLU A 353 -11.83 -4.56 12.32
N LEU A 354 -12.92 -4.00 11.79
CA LEU A 354 -13.92 -3.32 12.60
C LEU A 354 -15.17 -4.14 12.86
N GLY A 355 -15.24 -5.38 12.35
CA GLY A 355 -16.40 -6.19 12.64
C GLY A 355 -17.61 -5.76 11.81
N VAL A 356 -18.80 -6.01 12.34
CA VAL A 356 -20.05 -5.75 11.64
C VAL A 356 -20.52 -4.34 11.98
N VAL A 357 -20.86 -3.56 10.95
CA VAL A 357 -21.38 -2.21 11.11
C VAL A 357 -22.69 -2.12 10.32
N HIS A 358 -23.73 -1.62 10.99
CA HIS A 358 -25.05 -1.48 10.37
C HIS A 358 -25.39 -0.01 10.22
N ASN A 359 -25.92 0.34 9.05
CA ASN A 359 -26.31 1.72 8.80
C ASN A 359 -27.47 2.13 9.70
N GLN A 360 -27.41 3.36 10.21
CA GLN A 360 -28.40 3.85 11.16
C GLN A 360 -29.63 4.43 10.49
N ASP A 361 -29.55 4.83 9.22
CA ASP A 361 -30.66 5.43 8.50
C ASP A 361 -31.20 4.52 7.42
N VAL A 362 -31.26 3.22 7.70
CA VAL A 362 -31.80 2.26 6.73
C VAL A 362 -33.30 2.48 6.59
N ASN A 363 -33.77 2.57 5.35
CA ASN A 363 -35.18 2.76 5.06
C ASN A 363 -35.61 1.83 3.94
N LEU A 364 -36.88 1.49 3.92
CA LEU A 364 -37.44 0.59 2.92
C LEU A 364 -38.88 0.95 2.59
N SER A 370 -34.14 11.38 -4.84
CA SER A 370 -33.35 12.60 -4.76
C SER A 370 -31.95 12.37 -5.34
N PHE A 371 -31.26 13.47 -5.66
CA PHE A 371 -29.93 13.35 -6.23
C PHE A 371 -28.98 12.64 -5.28
N LYS A 372 -29.02 13.00 -4.00
CA LYS A 372 -28.17 12.34 -3.02
C LYS A 372 -28.43 10.83 -3.00
N GLU A 373 -29.70 10.43 -2.97
CA GLU A 373 -30.02 9.01 -2.94
C GLU A 373 -29.58 8.32 -4.23
N LEU A 374 -29.73 9.00 -5.36
CA LEU A 374 -29.33 8.41 -6.63
C LEU A 374 -27.83 8.15 -6.66
N LEU A 375 -27.03 9.12 -6.20
CA LEU A 375 -25.58 8.90 -6.14
C LEU A 375 -25.21 7.82 -5.12
N VAL A 376 -25.91 7.78 -3.99
CA VAL A 376 -25.63 6.73 -3.01
C VAL A 376 -25.88 5.36 -3.62
N TYR A 377 -26.98 5.20 -4.34
CA TYR A 377 -27.28 3.93 -4.99
C TYR A 377 -26.26 3.61 -6.07
N ALA A 378 -25.94 4.59 -6.93
CA ALA A 378 -25.04 4.32 -8.05
C ALA A 378 -23.64 3.95 -7.56
N ALA A 379 -23.11 4.69 -6.59
CA ALA A 379 -21.79 4.37 -6.06
C ALA A 379 -21.77 3.03 -5.36
N ASP A 380 -22.91 2.58 -4.85
CA ASP A 380 -22.96 1.31 -4.13
C ASP A 380 -22.68 0.16 -5.08
N PRO A 381 -21.71 -0.71 -4.78
CA PRO A 381 -21.45 -1.87 -5.66
C PRO A 381 -22.52 -2.94 -5.61
N ALA A 382 -23.54 -2.79 -4.76
CA ALA A 382 -24.54 -3.85 -4.62
C ALA A 382 -25.26 -4.11 -5.93
N MET A 383 -25.78 -3.06 -6.57
CA MET A 383 -26.51 -3.23 -7.81
C MET A 383 -25.62 -3.80 -8.91
N HIS A 384 -24.41 -3.26 -9.04
CA HIS A 384 -23.50 -3.71 -10.09
C HIS A 384 -23.16 -5.19 -9.91
N ALA A 385 -22.85 -5.60 -8.68
CA ALA A 385 -22.52 -7.00 -8.43
C ALA A 385 -23.73 -7.89 -8.66
N ALA A 386 -24.92 -7.46 -8.24
CA ALA A 386 -26.11 -8.27 -8.41
C ALA A 386 -26.42 -8.46 -9.90
N SER A 387 -26.24 -7.42 -10.70
CA SER A 387 -26.49 -7.50 -12.13
C SER A 387 -25.31 -8.07 -12.92
N GLY A 388 -24.20 -8.38 -12.25
CA GLY A 388 -23.02 -8.89 -12.93
C GLY A 388 -22.94 -10.41 -12.88
N ASN A 389 -22.37 -10.98 -13.94
CA ASN A 389 -22.19 -12.42 -14.02
C ASN A 389 -21.03 -12.86 -13.14
N LEU A 390 -21.10 -14.13 -12.72
CA LEU A 390 -20.03 -14.69 -11.90
C LEU A 390 -18.74 -14.77 -12.71
N LEU A 391 -17.62 -14.51 -12.03
CA LEU A 391 -16.30 -14.49 -12.67
C LEU A 391 -15.32 -15.31 -11.86
N LEU A 392 -14.50 -16.08 -12.57
CA LEU A 392 -13.38 -16.81 -11.99
C LEU A 392 -12.14 -16.45 -12.79
N ASP A 393 -11.22 -15.71 -12.18
CA ASP A 393 -10.01 -15.23 -12.83
C ASP A 393 -8.81 -15.93 -12.19
N LYS A 394 -8.16 -16.81 -12.95
CA LYS A 394 -6.98 -17.51 -12.48
C LYS A 394 -5.69 -16.73 -12.71
N ARG A 395 -5.77 -15.57 -13.35
CA ARG A 395 -4.58 -14.75 -13.57
C ARG A 395 -4.05 -14.14 -12.27
N THR A 396 -4.84 -14.15 -11.19
CA THR A 396 -4.44 -13.56 -9.94
C THR A 396 -4.95 -14.42 -8.79
N THR A 397 -4.29 -14.30 -7.65
CA THR A 397 -4.72 -14.97 -6.42
C THR A 397 -5.78 -14.18 -5.67
N CYS A 398 -6.16 -13.01 -6.16
CA CYS A 398 -7.14 -12.18 -5.47
C CYS A 398 -8.55 -12.69 -5.72
N PHE A 399 -9.45 -12.31 -4.81
CA PHE A 399 -10.85 -12.73 -4.91
C PHE A 399 -11.52 -12.07 -6.12
N SER A 400 -12.33 -12.85 -6.82
CA SER A 400 -13.09 -12.38 -7.97
C SER A 400 -14.57 -12.35 -7.60
N VAL A 401 -15.21 -11.21 -7.86
CA VAL A 401 -16.60 -11.01 -7.46
C VAL A 401 -17.53 -11.29 -8.63
N ALA A 402 -17.41 -10.52 -9.70
CA ALA A 402 -18.32 -10.65 -10.83
C ALA A 402 -17.71 -9.94 -12.04
N ALA A 403 -18.41 -10.08 -13.16
CA ALA A 403 -18.01 -9.46 -14.42
C ALA A 403 -19.19 -8.64 -14.94
N LEU A 404 -18.98 -7.35 -15.15
CA LEU A 404 -20.01 -6.46 -15.66
C LEU A 404 -20.08 -6.44 -17.18
N THR A 405 -19.14 -7.07 -17.86
CA THR A 405 -19.07 -7.04 -19.32
C THR A 405 -19.14 -8.46 -19.86
N ASN A 406 -19.78 -8.59 -21.02
CA ASN A 406 -19.86 -9.90 -21.66
C ASN A 406 -18.48 -10.42 -22.05
N ASN A 407 -17.56 -9.51 -22.42
CA ASN A 407 -16.22 -9.87 -22.82
C ASN A 407 -15.21 -9.16 -21.93
N VAL A 408 -14.10 -9.83 -21.64
CA VAL A 408 -13.05 -9.22 -20.84
C VAL A 408 -12.32 -8.16 -21.68
N ALA A 409 -11.80 -7.15 -20.99
CA ALA A 409 -11.13 -6.03 -21.64
C ALA A 409 -9.66 -6.02 -21.27
N PHE A 410 -8.80 -5.88 -22.28
CA PHE A 410 -7.36 -5.78 -22.10
C PHE A 410 -6.89 -4.42 -22.60
N GLN A 411 -6.15 -3.71 -21.76
CA GLN A 411 -5.65 -2.38 -22.09
C GLN A 411 -4.14 -2.43 -22.26
N THR A 412 -3.64 -1.70 -23.25
CA THR A 412 -2.23 -1.66 -23.59
C THR A 412 -1.70 -0.24 -23.45
N VAL A 413 -0.40 -0.12 -23.19
CA VAL A 413 0.28 1.16 -23.09
C VAL A 413 0.99 1.43 -24.40
N LYS A 414 0.65 2.55 -25.04
CA LYS A 414 1.27 2.89 -26.31
C LYS A 414 2.72 3.29 -26.09
N PRO A 415 3.55 3.19 -27.13
CA PRO A 415 4.95 3.60 -26.99
C PRO A 415 5.07 5.12 -27.02
N GLY A 416 6.17 5.59 -26.44
CA GLY A 416 6.42 7.02 -26.40
C GLY A 416 6.73 7.58 -27.77
N ASN A 417 6.33 8.84 -27.97
CA ASN A 417 6.69 9.56 -29.17
C ASN A 417 8.12 10.08 -29.06
N PHE A 418 8.79 10.18 -30.20
CA PHE A 418 10.19 10.57 -30.26
C PHE A 418 10.31 11.91 -30.99
N ASN A 419 11.05 12.85 -30.37
CA ASN A 419 11.22 14.19 -30.90
C ASN A 419 12.54 14.20 -31.68
N LYS A 420 12.44 14.15 -33.01
CA LYS A 420 13.64 14.05 -33.82
C LYS A 420 14.41 15.36 -33.83
N ASP A 421 13.71 16.50 -33.73
CA ASP A 421 14.40 17.78 -33.76
C ASP A 421 15.34 17.93 -32.56
N PHE A 422 14.87 17.63 -31.36
CA PHE A 422 15.70 17.80 -30.18
C PHE A 422 16.84 16.78 -30.13
N TYR A 423 16.55 15.52 -30.49
CA TYR A 423 17.61 14.52 -30.50
C TYR A 423 18.68 14.86 -31.53
N ASP A 424 18.28 15.28 -32.72
CA ASP A 424 19.25 15.68 -33.73
C ASP A 424 20.06 16.88 -33.26
N PHE A 425 19.40 17.87 -32.65
CA PHE A 425 20.12 19.02 -32.14
C PHE A 425 21.15 18.62 -31.09
N ALA A 426 20.75 17.75 -30.16
CA ALA A 426 21.67 17.30 -29.12
C ALA A 426 22.84 16.53 -29.71
N VAL A 427 22.57 15.68 -30.70
CA VAL A 427 23.64 14.93 -31.34
C VAL A 427 24.62 15.87 -32.03
N SER A 428 24.09 16.88 -32.74
CA SER A 428 24.97 17.81 -33.45
C SER A 428 25.86 18.59 -32.49
N LYS A 429 25.39 18.84 -31.27
CA LYS A 429 26.13 19.64 -30.30
C LYS A 429 27.11 18.82 -29.46
N GLY A 430 27.19 17.51 -29.69
CA GLY A 430 28.19 16.68 -29.04
C GLY A 430 27.68 15.75 -27.95
N PHE A 431 26.37 15.61 -27.79
CA PHE A 431 25.82 14.75 -26.77
C PHE A 431 25.53 13.35 -27.33
N PHE A 432 25.26 12.41 -26.42
CA PHE A 432 24.96 11.04 -26.77
C PHE A 432 26.11 10.40 -27.56
N LYS A 433 27.34 10.72 -27.16
CA LYS A 433 28.52 10.14 -27.78
C LYS A 433 28.85 8.80 -27.13
N GLU A 434 29.90 8.16 -27.63
CA GLU A 434 30.33 6.86 -27.10
C GLU A 434 31.14 7.07 -25.83
N GLY A 435 30.73 6.40 -24.75
CA GLY A 435 31.42 6.51 -23.48
C GLY A 435 31.08 7.74 -22.67
N SER A 436 30.17 8.58 -23.15
CA SER A 436 29.80 9.78 -22.41
C SER A 436 29.10 9.42 -21.11
N SER A 437 29.36 10.21 -20.07
CA SER A 437 28.73 9.95 -18.78
C SER A 437 27.21 10.09 -18.86
N VAL A 438 26.74 11.10 -19.57
CA VAL A 438 25.31 11.35 -19.69
C VAL A 438 24.75 10.47 -20.81
N GLU A 439 23.75 9.66 -20.47
CA GLU A 439 23.15 8.74 -21.43
C GLU A 439 21.64 8.71 -21.22
N LEU A 440 20.94 8.25 -22.25
CA LEU A 440 19.48 8.15 -22.20
C LEU A 440 19.11 6.86 -21.49
N LYS A 441 18.57 6.98 -20.28
CA LYS A 441 18.14 5.83 -19.49
C LYS A 441 16.68 5.93 -19.08
N HIS A 442 15.94 6.91 -19.61
CA HIS A 442 14.53 7.11 -19.28
C HIS A 442 13.72 7.05 -20.56
N PHE A 443 12.65 6.27 -20.54
CA PHE A 443 11.87 6.02 -21.74
C PHE A 443 10.42 5.78 -21.35
N PHE A 444 9.56 5.72 -22.36
CA PHE A 444 8.20 5.19 -22.21
C PHE A 444 8.23 3.71 -22.55
N PHE A 445 7.88 2.86 -21.59
CA PHE A 445 7.91 1.42 -21.77
C PHE A 445 6.50 0.93 -22.10
N ALA A 446 6.33 0.35 -23.28
CA ALA A 446 5.04 -0.18 -23.67
C ALA A 446 4.73 -1.46 -22.90
N GLN A 447 3.44 -1.76 -22.76
CA GLN A 447 2.99 -2.91 -22.00
C GLN A 447 1.93 -3.66 -22.80
N ASP A 448 1.81 -4.95 -22.52
CA ASP A 448 0.85 -5.80 -23.20
C ASP A 448 -0.54 -5.64 -22.58
N GLY A 449 -1.49 -6.44 -23.06
CA GLY A 449 -2.86 -6.36 -22.56
C GLY A 449 -3.06 -6.90 -21.17
N ASN A 450 -2.14 -7.73 -20.70
CA ASN A 450 -2.23 -8.33 -19.37
C ASN A 450 -1.47 -7.54 -18.31
N ALA A 451 -0.92 -6.38 -18.68
CA ALA A 451 -0.11 -5.61 -17.73
C ALA A 451 -0.95 -5.15 -16.54
N ALA A 452 -2.07 -4.50 -16.80
CA ALA A 452 -2.84 -3.88 -15.73
C ALA A 452 -3.20 -4.89 -14.65
N ILE A 453 -3.84 -5.98 -15.04
CA ILE A 453 -4.20 -7.02 -14.07
C ILE A 453 -2.94 -7.52 -13.36
N SER A 454 -1.86 -7.70 -14.11
CA SER A 454 -0.61 -8.14 -13.48
C SER A 454 -0.20 -7.18 -12.38
N ASP A 455 -0.32 -5.88 -12.62
CA ASP A 455 0.01 -4.92 -11.56
C ASP A 455 -0.88 -5.14 -10.34
N TYR A 456 -2.18 -5.36 -10.57
CA TYR A 456 -3.08 -5.64 -9.47
C TYR A 456 -2.62 -6.86 -8.69
N ASP A 457 -1.99 -7.83 -9.37
CA ASP A 457 -1.52 -9.03 -8.69
C ASP A 457 -0.51 -8.71 -7.61
N TYR A 458 0.18 -7.57 -7.70
CA TYR A 458 1.14 -7.21 -6.66
C TYR A 458 0.46 -7.01 -5.31
N TYR A 459 -0.85 -6.76 -5.29
CA TYR A 459 -1.57 -6.70 -4.02
C TYR A 459 -1.48 -8.01 -3.25
N ARG A 460 -0.99 -9.09 -3.87
CA ARG A 460 -0.74 -10.32 -3.14
C ARG A 460 0.27 -10.13 -2.02
N TYR A 461 1.10 -9.09 -2.10
CA TYR A 461 2.11 -8.83 -1.07
C TYR A 461 1.53 -8.24 0.19
N ASN A 462 0.26 -7.83 0.18
CA ASN A 462 -0.41 -7.37 1.40
C ASN A 462 -0.88 -8.59 2.19
N LEU A 463 -0.42 -8.69 3.44
CA LEU A 463 -0.71 -9.84 4.27
C LEU A 463 -1.35 -9.41 5.58
N PRO A 464 -2.19 -10.26 6.18
CA PRO A 464 -2.72 -9.91 7.51
C PRO A 464 -1.60 -9.83 8.54
N THR A 465 -1.42 -8.64 9.09
CA THR A 465 -0.34 -8.36 10.04
C THR A 465 -0.93 -7.87 11.35
N MET A 466 -0.59 -8.53 12.45
CA MET A 466 -0.98 -8.12 13.78
C MET A 466 0.21 -7.43 14.44
N CYS A 467 -0.01 -6.22 14.94
CA CYS A 467 1.05 -5.39 15.49
C CYS A 467 1.13 -5.54 17.00
N ASP A 468 2.30 -5.21 17.54
CA ASP A 468 2.47 -5.14 18.99
C ASP A 468 1.62 -3.98 19.51
N ILE A 469 0.51 -4.30 20.17
CA ILE A 469 -0.50 -3.29 20.45
C ILE A 469 0.04 -2.22 21.39
N ARG A 470 0.78 -2.62 22.42
CA ARG A 470 1.37 -1.63 23.32
C ARG A 470 2.36 -0.74 22.59
N GLN A 471 3.21 -1.35 21.75
CA GLN A 471 4.16 -0.58 20.96
C GLN A 471 3.44 0.36 20.01
N LEU A 472 2.38 -0.12 19.36
CA LEU A 472 1.64 0.73 18.43
C LEU A 472 0.97 1.88 19.17
N LEU A 473 0.44 1.63 20.36
CA LEU A 473 -0.21 2.69 21.13
C LEU A 473 0.79 3.77 21.52
N PHE A 474 1.96 3.35 22.04
CA PHE A 474 2.96 4.34 22.41
C PHE A 474 3.47 5.09 21.18
N VAL A 475 3.62 4.38 20.06
CA VAL A 475 4.14 5.00 18.85
C VAL A 475 3.14 6.02 18.31
N VAL A 476 1.84 5.72 18.37
CA VAL A 476 0.85 6.68 17.88
C VAL A 476 0.80 7.89 18.81
N GLU A 477 0.95 7.67 20.12
CA GLU A 477 1.00 8.81 21.04
C GLU A 477 2.18 9.71 20.73
N VAL A 478 3.35 9.12 20.45
CA VAL A 478 4.52 9.91 20.09
C VAL A 478 4.31 10.62 18.76
N VAL A 479 3.71 9.92 17.79
CA VAL A 479 3.54 10.48 16.46
C VAL A 479 2.58 11.67 16.50
N ASP A 480 1.58 11.62 17.38
CA ASP A 480 0.65 12.74 17.49
C ASP A 480 1.36 14.04 17.79
N LYS A 481 2.52 13.97 18.45
CA LYS A 481 3.27 15.18 18.76
C LYS A 481 3.79 15.85 17.50
N TYR A 482 4.12 15.07 16.47
CA TYR A 482 4.60 15.63 15.22
C TYR A 482 3.51 16.39 14.47
N PHE A 483 2.24 16.26 14.87
CA PHE A 483 1.13 16.93 14.21
C PHE A 483 0.36 17.84 15.16
N ASP A 484 1.00 18.28 16.26
CA ASP A 484 0.31 19.14 17.22
C ASP A 484 0.18 20.57 16.73
N CYS A 485 1.17 21.07 15.99
CA CYS A 485 1.14 22.46 15.53
C CYS A 485 -0.02 22.69 14.57
N TYR A 486 -0.34 21.69 13.74
CA TYR A 486 -1.38 21.86 12.74
C TYR A 486 -2.76 21.91 13.39
N ASP A 487 -3.69 22.54 12.69
CA ASP A 487 -5.09 22.63 13.11
C ASP A 487 -5.98 22.01 12.04
N GLY A 488 -7.03 21.30 12.48
CA GLY A 488 -7.93 20.63 11.56
C GLY A 488 -9.35 20.66 12.06
N GLY A 489 -10.24 20.16 11.22
CA GLY A 489 -11.65 20.10 11.55
C GLY A 489 -12.49 19.91 10.31
N CYS A 490 -13.79 19.89 10.52
CA CYS A 490 -14.76 19.74 9.44
C CYS A 490 -15.15 21.10 8.89
N ILE A 491 -15.29 21.19 7.57
CA ILE A 491 -15.65 22.42 6.90
C ILE A 491 -16.89 22.17 6.05
N ASN A 492 -17.54 23.26 5.66
CA ASN A 492 -18.75 23.19 4.86
C ASN A 492 -18.40 23.04 3.38
N ALA A 493 -19.44 22.84 2.57
CA ALA A 493 -19.22 22.63 1.14
C ALA A 493 -18.61 23.86 0.48
N ASN A 494 -19.07 25.05 0.87
CA ASN A 494 -18.59 26.28 0.25
C ASN A 494 -17.14 26.60 0.62
N GLN A 495 -16.56 25.91 1.62
CA GLN A 495 -15.18 26.11 2.00
C GLN A 495 -14.23 25.11 1.37
N VAL A 496 -14.73 24.27 0.45
CA VAL A 496 -13.92 23.23 -0.17
C VAL A 496 -13.29 23.78 -1.44
N ILE A 497 -12.00 23.52 -1.61
CA ILE A 497 -11.24 23.96 -2.78
C ILE A 497 -10.86 22.72 -3.59
N VAL A 498 -11.21 22.74 -4.87
CA VAL A 498 -10.90 21.65 -5.79
C VAL A 498 -9.97 22.21 -6.87
N ASN A 499 -8.78 21.62 -6.99
CA ASN A 499 -7.79 22.14 -7.93
C ASN A 499 -8.26 21.98 -9.37
N ASN A 500 -8.73 20.79 -9.73
CA ASN A 500 -9.18 20.51 -11.10
C ASN A 500 -10.56 19.88 -11.05
N LEU A 501 -11.49 20.47 -11.80
CA LEU A 501 -12.86 19.96 -11.89
C LEU A 501 -13.07 19.10 -13.12
N ASP A 502 -12.07 18.97 -14.00
CA ASP A 502 -12.19 18.19 -15.22
C ASP A 502 -11.58 16.81 -15.08
N LYS A 503 -11.44 16.31 -13.86
CA LYS A 503 -10.88 14.98 -13.63
C LYS A 503 -11.99 13.94 -13.65
N SER A 504 -11.58 12.67 -13.65
CA SER A 504 -12.54 11.58 -13.71
C SER A 504 -13.31 11.45 -12.41
N ALA A 505 -14.60 11.16 -12.52
CA ALA A 505 -15.46 10.98 -11.36
C ALA A 505 -15.49 9.54 -10.87
N GLY A 506 -14.82 8.62 -11.55
CA GLY A 506 -14.80 7.23 -11.16
C GLY A 506 -15.98 6.45 -11.72
N PHE A 507 -16.02 5.17 -11.35
CA PHE A 507 -17.08 4.28 -11.81
C PHE A 507 -18.24 4.27 -10.81
N PRO A 508 -19.50 4.31 -11.27
CA PRO A 508 -19.96 4.39 -12.66
C PRO A 508 -20.10 5.83 -13.15
N PHE A 509 -19.66 6.77 -12.31
CA PHE A 509 -19.86 8.19 -12.59
C PHE A 509 -19.09 8.66 -13.82
N ASN A 510 -18.01 7.98 -14.19
CA ASN A 510 -17.25 8.39 -15.36
C ASN A 510 -18.04 8.26 -16.66
N LYS A 511 -19.08 7.42 -16.68
CA LYS A 511 -19.87 7.25 -17.89
C LYS A 511 -20.60 8.53 -18.27
N TRP A 512 -21.13 9.25 -17.29
CA TRP A 512 -22.03 10.37 -17.54
C TRP A 512 -21.33 11.72 -17.59
N GLY A 513 -20.15 11.86 -17.01
CA GLY A 513 -19.46 13.13 -17.05
C GLY A 513 -18.28 13.15 -16.10
N LYS A 514 -17.68 14.33 -15.99
CA LYS A 514 -16.51 14.54 -15.15
C LYS A 514 -16.94 15.02 -13.77
N ALA A 515 -15.95 15.30 -12.91
CA ALA A 515 -16.25 15.76 -11.56
C ALA A 515 -16.97 17.10 -11.57
N ARG A 516 -16.71 17.94 -12.58
CA ARG A 516 -17.39 19.23 -12.67
C ARG A 516 -18.89 19.05 -12.75
N LEU A 517 -19.34 18.05 -13.53
CA LEU A 517 -20.76 17.81 -13.68
C LEU A 517 -21.43 17.55 -12.33
N TYR A 518 -20.84 16.69 -11.53
CA TYR A 518 -21.43 16.33 -10.24
C TYR A 518 -21.29 17.44 -9.22
N TYR A 519 -20.18 18.17 -9.23
CA TYR A 519 -20.04 19.29 -8.31
C TYR A 519 -21.06 20.38 -8.62
N ASP A 520 -21.32 20.63 -9.90
CA ASP A 520 -22.34 21.61 -10.28
C ASP A 520 -23.74 21.10 -9.94
N SER A 521 -23.98 19.80 -10.14
CA SER A 521 -25.31 19.25 -9.89
C SER A 521 -25.68 19.35 -8.42
N MET A 522 -24.75 19.03 -7.53
CA MET A 522 -25.01 19.07 -6.09
C MET A 522 -24.85 20.49 -5.58
N SER A 523 -25.89 21.02 -4.96
CA SER A 523 -25.78 22.28 -4.26
C SER A 523 -25.04 22.08 -2.94
N TYR A 524 -24.64 23.20 -2.32
CA TYR A 524 -23.91 23.11 -1.06
C TYR A 524 -24.73 22.38 -0.01
N GLU A 525 -26.04 22.63 0.03
CA GLU A 525 -26.88 21.92 0.99
C GLU A 525 -26.89 20.42 0.71
N ASP A 526 -26.94 20.03 -0.56
CA ASP A 526 -26.91 18.60 -0.89
C ASP A 526 -25.59 17.96 -0.46
N GLN A 527 -24.47 18.65 -0.70
CA GLN A 527 -23.18 18.11 -0.29
C GLN A 527 -23.09 17.99 1.23
N ASP A 528 -23.60 18.99 1.95
CA ASP A 528 -23.61 18.91 3.41
C ASP A 528 -24.48 17.76 3.89
N ALA A 529 -25.64 17.55 3.25
CA ALA A 529 -26.50 16.44 3.60
C ALA A 529 -25.79 15.11 3.37
N LEU A 530 -25.08 14.98 2.24
CA LEU A 530 -24.33 13.76 1.98
C LEU A 530 -23.25 13.54 3.03
N PHE A 531 -22.56 14.60 3.44
CA PHE A 531 -21.51 14.47 4.45
C PHE A 531 -22.11 14.02 5.79
N ALA A 532 -23.21 14.64 6.19
CA ALA A 532 -23.88 14.23 7.44
C ALA A 532 -24.34 12.79 7.35
N TYR A 533 -24.85 12.37 6.18
CA TYR A 533 -25.24 10.99 5.99
C TYR A 533 -24.04 10.06 6.16
N THR A 534 -22.89 10.45 5.61
CA THR A 534 -21.67 9.64 5.79
C THR A 534 -21.25 9.60 7.24
N LYS A 535 -21.61 10.59 8.05
CA LYS A 535 -21.33 10.50 9.49
C LYS A 535 -22.21 9.49 10.20
N ARG A 536 -23.29 9.00 9.57
CA ARG A 536 -24.18 8.04 10.21
C ARG A 536 -24.24 6.69 9.50
N ASN A 537 -23.75 6.59 8.27
CA ASN A 537 -23.86 5.36 7.50
C ASN A 537 -22.60 5.15 6.68
N VAL A 538 -22.39 3.90 6.27
CA VAL A 538 -21.24 3.50 5.48
C VAL A 538 -21.67 3.37 4.03
N ILE A 539 -20.92 4.00 3.13
CA ILE A 539 -21.20 3.98 1.70
C ILE A 539 -20.04 3.29 1.00
N PRO A 540 -20.16 2.00 0.69
CA PRO A 540 -19.13 1.36 -0.12
C PRO A 540 -19.07 1.94 -1.53
N THR A 541 -17.87 1.94 -2.10
CA THR A 541 -17.65 2.55 -3.40
C THR A 541 -16.75 1.64 -4.23
N ILE A 542 -16.70 1.93 -5.53
CA ILE A 542 -15.88 1.18 -6.48
C ILE A 542 -14.77 2.09 -6.96
N THR A 543 -13.54 1.59 -6.93
CA THR A 543 -12.36 2.32 -7.39
C THR A 543 -11.82 1.65 -8.65
N GLN A 544 -11.61 2.46 -9.68
CA GLN A 544 -11.07 1.96 -10.94
C GLN A 544 -9.54 1.98 -10.90
N MET A 545 -8.93 1.01 -11.60
CA MET A 545 -7.49 0.95 -11.75
C MET A 545 -7.14 1.38 -13.17
N ASN A 546 -6.29 2.40 -13.28
CA ASN A 546 -5.92 2.96 -14.58
C ASN A 546 -4.41 2.96 -14.72
N LEU A 547 -3.92 2.48 -15.85
CA LEU A 547 -2.50 2.56 -16.16
C LEU A 547 -2.11 4.03 -16.34
N LYS A 548 -0.97 4.41 -15.77
CA LYS A 548 -0.48 5.77 -15.88
C LYS A 548 0.63 5.84 -16.92
N TYR A 549 0.56 6.84 -17.79
CA TYR A 549 1.50 7.00 -18.89
C TYR A 549 2.52 8.06 -18.49
N ALA A 550 3.73 7.63 -18.16
CA ALA A 550 4.74 8.54 -17.65
C ALA A 550 6.13 7.97 -17.90
N ILE A 551 7.13 8.84 -17.75
CA ILE A 551 8.52 8.43 -17.88
C ILE A 551 8.91 7.51 -16.72
N SER A 552 9.81 6.58 -17.00
CA SER A 552 10.36 5.71 -15.97
C SER A 552 11.65 5.10 -16.49
N ALA A 553 12.50 4.69 -15.55
CA ALA A 553 13.74 3.99 -15.87
C ALA A 553 13.60 2.49 -15.68
N LYS A 554 12.40 2.00 -15.40
CA LYS A 554 12.13 0.58 -15.19
C LYS A 554 10.92 0.18 -16.03
N ASN A 555 10.94 -1.08 -16.49
CA ASN A 555 9.92 -1.56 -17.41
C ASN A 555 8.57 -1.82 -16.74
N ARG A 556 8.50 -1.78 -15.42
CA ARG A 556 7.25 -2.09 -14.74
C ARG A 556 6.19 -1.04 -15.02
N ALA A 557 4.97 -1.50 -15.29
CA ALA A 557 3.85 -0.59 -15.45
C ALA A 557 3.38 -0.07 -14.10
N ARG A 558 2.79 1.11 -14.10
CA ARG A 558 2.30 1.75 -12.88
C ARG A 558 0.81 2.02 -13.00
N THR A 559 0.09 1.74 -11.91
CA THR A 559 -1.35 1.89 -11.85
C THR A 559 -1.73 2.93 -10.81
N VAL A 560 -2.85 3.61 -11.06
CA VAL A 560 -3.41 4.57 -10.13
C VAL A 560 -4.86 4.19 -9.87
N ALA A 561 -5.34 4.52 -8.67
CA ALA A 561 -6.68 4.15 -8.23
C ALA A 561 -7.56 5.39 -8.26
N GLY A 562 -8.45 5.47 -9.25
CA GLY A 562 -9.45 6.52 -9.29
C GLY A 562 -10.66 6.17 -8.46
N VAL A 563 -10.86 6.90 -7.37
CA VAL A 563 -11.95 6.62 -6.43
C VAL A 563 -13.22 7.33 -6.92
N SER A 564 -14.36 6.93 -6.36
CA SER A 564 -15.64 7.50 -6.76
C SER A 564 -15.75 8.95 -6.29
N ILE A 565 -16.67 9.67 -6.92
CA ILE A 565 -16.83 11.10 -6.63
C ILE A 565 -17.31 11.32 -5.21
N CYS A 566 -18.26 10.49 -4.74
CA CYS A 566 -18.83 10.70 -3.41
C CYS A 566 -17.77 10.57 -2.33
N SER A 567 -16.92 9.54 -2.42
CA SER A 567 -15.86 9.37 -1.44
C SER A 567 -14.91 10.56 -1.44
N THR A 568 -14.53 11.03 -2.63
CA THR A 568 -13.63 12.18 -2.71
C THR A 568 -14.26 13.40 -2.07
N MET A 569 -15.54 13.67 -2.37
CA MET A 569 -16.21 14.82 -1.78
C MET A 569 -16.26 14.74 -0.26
N THR A 570 -16.64 13.58 0.26
CA THR A 570 -16.78 13.45 1.71
C THR A 570 -15.44 13.53 2.42
N ASN A 571 -14.42 12.84 1.89
CA ASN A 571 -13.10 12.92 2.49
C ASN A 571 -12.53 14.34 2.40
N ARG A 572 -12.84 15.06 1.31
CA ARG A 572 -12.40 16.45 1.24
C ARG A 572 -13.04 17.27 2.35
N GLN A 573 -14.37 17.22 2.46
CA GLN A 573 -15.02 17.98 3.53
C GLN A 573 -14.47 17.59 4.90
N PHE A 574 -14.07 16.32 5.06
CA PHE A 574 -13.59 15.87 6.37
C PHE A 574 -12.18 16.35 6.67
N HIS A 575 -11.28 16.35 5.67
CA HIS A 575 -9.85 16.45 5.92
C HIS A 575 -9.16 17.68 5.34
N GLN A 576 -9.83 18.46 4.47
CA GLN A 576 -9.12 19.50 3.74
C GLN A 576 -8.54 20.56 4.66
N LYS A 577 -9.20 20.86 5.77
CA LYS A 577 -8.68 21.87 6.69
C LYS A 577 -7.31 21.46 7.21
N LEU A 578 -7.22 20.25 7.76
CA LEU A 578 -5.94 19.77 8.27
C LEU A 578 -4.91 19.65 7.15
N LEU A 579 -5.34 19.16 5.98
CA LEU A 579 -4.40 18.98 4.88
C LEU A 579 -3.81 20.30 4.43
N LYS A 580 -4.63 21.34 4.35
CA LYS A 580 -4.13 22.67 3.99
C LYS A 580 -3.29 23.26 5.10
N SER A 581 -3.61 22.98 6.36
CA SER A 581 -2.79 23.46 7.47
C SER A 581 -1.39 22.86 7.39
N ILE A 582 -1.29 21.56 7.08
CA ILE A 582 0.02 20.93 6.99
C ILE A 582 0.81 21.52 5.83
N ALA A 583 0.16 21.73 4.68
CA ALA A 583 0.86 22.20 3.49
C ALA A 583 1.33 23.64 3.63
N ALA A 584 0.79 24.41 4.58
CA ALA A 584 1.14 25.81 4.76
C ALA A 584 2.14 26.03 5.88
N THR A 585 2.69 24.97 6.47
CA THR A 585 3.60 25.08 7.60
C THR A 585 5.04 24.88 7.13
N ARG A 586 5.93 25.76 7.59
CA ARG A 586 7.34 25.70 7.26
C ARG A 586 8.15 25.40 8.53
N GLY A 587 9.23 24.65 8.36
CA GLY A 587 10.09 24.30 9.46
C GLY A 587 9.66 23.09 10.25
N ALA A 588 8.63 22.37 9.79
CA ALA A 588 8.16 21.18 10.48
C ALA A 588 8.80 19.93 9.89
N THR A 589 8.56 18.79 10.55
CA THR A 589 9.11 17.53 10.05
C THR A 589 8.55 17.20 8.68
N VAL A 590 7.24 17.38 8.49
CA VAL A 590 6.61 17.15 7.19
C VAL A 590 6.82 18.38 6.33
N VAL A 591 7.36 18.17 5.12
CA VAL A 591 7.76 19.28 4.25
C VAL A 591 6.90 19.32 3.00
N ILE A 592 5.66 18.84 3.11
CA ILE A 592 4.71 18.98 2.01
C ILE A 592 4.30 20.45 1.90
N GLY A 593 4.31 20.97 0.68
CA GLY A 593 3.98 22.36 0.45
C GLY A 593 5.15 23.32 0.46
N THR A 594 6.35 22.84 0.79
CA THR A 594 7.55 23.67 0.83
C THR A 594 8.26 23.59 -0.51
N SER A 595 8.28 24.69 -1.24
CA SER A 595 8.94 24.72 -2.55
C SER A 595 10.45 24.60 -2.38
N LYS A 596 11.08 23.89 -3.31
CA LYS A 596 12.54 23.79 -3.33
C LYS A 596 13.19 25.05 -3.89
N PHE A 597 12.43 25.88 -4.61
CA PHE A 597 12.99 27.05 -5.26
C PHE A 597 13.15 28.20 -4.26
N TYR A 598 13.88 29.22 -4.69
CA TYR A 598 14.09 30.43 -3.90
C TYR A 598 14.68 30.11 -2.52
N GLY A 599 15.63 29.17 -2.50
CA GLY A 599 16.31 28.84 -1.26
C GLY A 599 15.56 27.88 -0.35
N GLY A 600 14.42 27.35 -0.79
CA GLY A 600 13.69 26.43 0.05
C GLY A 600 14.48 25.18 0.39
N TRP A 601 15.23 24.67 -0.58
CA TRP A 601 16.07 23.49 -0.33
C TRP A 601 17.06 23.77 0.79
N HIS A 602 17.74 24.92 0.72
CA HIS A 602 18.70 25.27 1.75
C HIS A 602 18.03 25.41 3.11
N ASN A 603 16.85 26.05 3.15
CA ASN A 603 16.14 26.20 4.40
C ASN A 603 15.79 24.85 5.00
N MET A 604 15.28 23.94 4.18
CA MET A 604 14.92 22.61 4.68
C MET A 604 16.15 21.88 5.20
N LEU A 605 17.25 21.91 4.46
CA LEU A 605 18.45 21.20 4.89
C LEU A 605 18.99 21.79 6.18
N LYS A 606 18.98 23.12 6.32
CA LYS A 606 19.41 23.72 7.58
C LYS A 606 18.49 23.32 8.72
N THR A 607 17.19 23.24 8.46
CA THR A 607 16.25 22.81 9.50
C THR A 607 16.56 21.39 9.96
N VAL A 608 16.88 20.50 9.02
CA VAL A 608 17.15 19.12 9.39
C VAL A 608 18.40 19.01 10.26
N TYR A 609 19.45 19.75 9.92
CA TYR A 609 20.71 19.65 10.65
C TYR A 609 20.64 20.25 12.04
N SER A 610 19.55 20.92 12.40
CA SER A 610 19.50 21.72 13.62
C SER A 610 19.89 20.92 14.85
N ASP A 611 20.99 21.34 15.49
CA ASP A 611 21.37 20.91 16.83
C ASP A 611 21.47 19.38 16.92
N VAL A 612 22.44 18.85 16.19
CA VAL A 612 22.83 17.45 16.28
C VAL A 612 24.30 17.40 16.66
N GLU A 613 24.62 16.67 17.74
CA GLU A 613 25.97 16.72 18.30
C GLU A 613 26.99 16.15 17.33
N ASN A 614 26.76 14.95 16.81
CA ASN A 614 27.67 14.28 15.88
C ASN A 614 26.85 13.81 14.69
N PRO A 615 26.51 14.72 13.78
CA PRO A 615 25.50 14.42 12.76
C PRO A 615 26.04 13.54 11.64
N HIS A 616 25.25 12.53 11.28
CA HIS A 616 25.37 11.85 10.00
C HIS A 616 23.97 11.78 9.39
N LEU A 617 23.90 11.58 8.07
CA LEU A 617 22.63 11.52 7.38
C LEU A 617 22.34 10.11 6.91
N MET A 618 21.06 9.71 6.96
CA MET A 618 20.61 8.48 6.35
C MET A 618 19.34 8.73 5.55
N GLY A 619 19.12 7.86 4.57
CA GLY A 619 17.88 7.81 3.83
C GLY A 619 17.56 6.38 3.44
N TRP A 620 16.29 6.00 3.51
CA TRP A 620 15.86 4.63 3.27
C TRP A 620 14.74 4.62 2.23
N ASP A 621 14.32 3.41 1.87
CA ASP A 621 13.27 3.22 0.88
C ASP A 621 12.27 2.19 1.40
N TYR A 622 11.03 2.30 0.93
CA TYR A 622 9.97 1.38 1.30
C TYR A 622 9.65 0.46 0.12
N PRO A 623 10.07 -0.79 0.14
CA PRO A 623 9.72 -1.69 -0.98
C PRO A 623 8.22 -1.99 -0.99
N LYS A 624 7.59 -1.75 -2.14
CA LYS A 624 6.16 -2.01 -2.32
C LYS A 624 5.35 -1.33 -1.22
N CYS A 625 5.66 -0.06 -0.98
CA CYS A 625 5.04 0.65 0.13
C CYS A 625 3.52 0.70 -0.03
N ASP A 626 3.04 1.11 -1.20
CA ASP A 626 1.61 1.30 -1.40
C ASP A 626 0.84 -0.02 -1.37
N ARG A 627 1.51 -1.15 -1.57
CA ARG A 627 0.85 -2.44 -1.66
C ARG A 627 1.00 -3.29 -0.40
N ALA A 628 2.18 -3.28 0.22
CA ALA A 628 2.47 -4.13 1.37
C ALA A 628 2.20 -3.46 2.70
N MET A 629 1.66 -2.25 2.70
CA MET A 629 1.43 -1.55 3.97
C MET A 629 0.39 -2.29 4.80
N PRO A 630 0.68 -2.62 6.05
CA PRO A 630 -0.33 -3.28 6.89
C PRO A 630 -1.57 -2.42 7.06
N ASN A 631 -2.72 -3.09 7.16
CA ASN A 631 -3.98 -2.37 7.36
C ASN A 631 -4.01 -1.65 8.70
N MET A 632 -3.39 -2.23 9.73
CA MET A 632 -3.39 -1.59 11.05
C MET A 632 -2.71 -0.23 11.00
N LEU A 633 -1.59 -0.14 10.28
CA LEU A 633 -0.88 1.14 10.20
C LEU A 633 -1.71 2.18 9.44
N ARG A 634 -2.41 1.76 8.40
CA ARG A 634 -3.29 2.69 7.69
C ARG A 634 -4.42 3.18 8.58
N ILE A 635 -5.00 2.27 9.37
CA ILE A 635 -6.05 2.67 10.31
C ILE A 635 -5.49 3.65 11.34
N MET A 636 -4.26 3.38 11.81
CA MET A 636 -3.63 4.28 12.77
C MET A 636 -3.40 5.66 12.16
N ALA A 637 -2.95 5.72 10.92
CA ALA A 637 -2.77 7.00 10.26
C ALA A 637 -4.10 7.74 10.11
N SER A 638 -5.15 7.02 9.74
CA SER A 638 -6.46 7.65 9.64
C SER A 638 -6.91 8.20 10.98
N LEU A 639 -6.71 7.44 12.06
CA LEU A 639 -7.08 7.92 13.38
C LEU A 639 -6.26 9.13 13.78
N VAL A 640 -4.98 9.14 13.45
CA VAL A 640 -4.13 10.29 13.76
C VAL A 640 -4.64 11.53 13.03
N LEU A 641 -5.01 11.38 11.75
CA LEU A 641 -5.53 12.51 11.00
C LEU A 641 -6.88 12.97 11.55
N ALA A 642 -7.71 12.03 11.99
CA ALA A 642 -9.05 12.36 12.48
C ALA A 642 -9.05 12.84 13.92
N ARG A 643 -7.94 12.71 14.64
CA ARG A 643 -7.90 13.17 16.03
C ARG A 643 -8.06 14.68 16.15
N LYS A 644 -7.94 15.42 15.05
CA LYS A 644 -8.19 16.86 15.06
C LYS A 644 -9.67 17.21 15.12
N HIS A 645 -10.55 16.20 15.17
CA HIS A 645 -12.00 16.42 15.15
C HIS A 645 -12.61 16.23 16.54
N THR A 646 -11.89 16.61 17.59
CA THR A 646 -12.39 16.39 18.95
C THR A 646 -13.67 17.17 19.21
N THR A 647 -13.73 18.42 18.74
CA THR A 647 -14.86 19.29 19.07
C THR A 647 -15.99 19.19 18.06
N CYS A 648 -15.68 19.10 16.76
CA CYS A 648 -16.69 19.16 15.72
C CYS A 648 -17.35 17.81 15.45
N CYS A 649 -16.82 16.72 15.97
CA CYS A 649 -17.39 15.39 15.75
C CYS A 649 -17.43 14.62 17.05
N SER A 650 -18.45 13.76 17.18
CA SER A 650 -18.58 12.89 18.33
C SER A 650 -17.88 11.56 18.06
N LEU A 651 -17.89 10.68 19.06
CA LEU A 651 -17.25 9.37 18.92
C LEU A 651 -17.91 8.57 17.80
N SER A 652 -19.25 8.55 17.77
CA SER A 652 -19.95 7.80 16.74
C SER A 652 -19.67 8.37 15.35
N HIS A 653 -19.67 9.69 15.22
CA HIS A 653 -19.41 10.31 13.92
C HIS A 653 -18.01 9.96 13.42
N ARG A 654 -17.02 10.07 14.30
CA ARG A 654 -15.65 9.76 13.91
C ARG A 654 -15.50 8.29 13.56
N PHE A 655 -16.13 7.39 14.32
CA PHE A 655 -16.06 5.97 13.99
C PHE A 655 -16.69 5.69 12.64
N TYR A 656 -17.84 6.30 12.36
CA TYR A 656 -18.48 6.05 11.07
C TYR A 656 -17.67 6.63 9.93
N ARG A 657 -17.00 7.76 10.15
CA ARG A 657 -16.11 8.29 9.12
C ARG A 657 -14.94 7.34 8.88
N LEU A 658 -14.38 6.76 9.96
CA LEU A 658 -13.32 5.78 9.79
C LEU A 658 -13.81 4.56 9.02
N ALA A 659 -15.03 4.11 9.32
CA ALA A 659 -15.59 2.96 8.63
C ALA A 659 -15.79 3.26 7.15
N ASN A 660 -16.27 4.46 6.83
CA ASN A 660 -16.42 4.85 5.43
C ASN A 660 -15.08 4.87 4.72
N GLU A 661 -14.06 5.42 5.38
CA GLU A 661 -12.73 5.44 4.78
C GLU A 661 -12.21 4.04 4.53
N CYS A 662 -12.41 3.15 5.51
CA CYS A 662 -11.96 1.77 5.35
C CYS A 662 -12.69 1.07 4.20
N ALA A 663 -14.00 1.30 4.08
CA ALA A 663 -14.79 0.69 3.02
C ALA A 663 -14.56 1.33 1.67
N GLN A 664 -13.92 2.49 1.61
CA GLN A 664 -13.63 3.16 0.35
C GLN A 664 -12.15 3.22 0.02
N VAL A 665 -11.27 2.91 0.97
CA VAL A 665 -9.83 3.02 0.77
C VAL A 665 -9.14 1.71 1.08
N LEU A 666 -9.46 1.12 2.23
CA LEU A 666 -8.70 -0.01 2.74
C LEU A 666 -9.08 -1.31 2.04
N SER A 667 -10.36 -1.64 2.00
CA SER A 667 -10.84 -2.90 1.43
C SER A 667 -12.03 -2.64 0.51
N GLU A 668 -11.90 -1.65 -0.37
CA GLU A 668 -12.99 -1.29 -1.26
C GLU A 668 -13.16 -2.34 -2.35
N MET A 669 -14.05 -2.05 -3.29
CA MET A 669 -14.26 -2.88 -4.47
C MET A 669 -13.50 -2.27 -5.63
N VAL A 670 -12.75 -3.09 -6.36
CA VAL A 670 -11.83 -2.64 -7.39
C VAL A 670 -12.38 -3.05 -8.74
N MET A 671 -12.44 -2.08 -9.67
CA MET A 671 -12.89 -2.32 -11.03
C MET A 671 -11.67 -2.39 -11.94
N CYS A 672 -11.49 -3.53 -12.60
CA CYS A 672 -10.34 -3.76 -13.47
C CYS A 672 -10.83 -4.48 -14.73
N GLY A 673 -10.80 -3.78 -15.85
CA GLY A 673 -11.10 -4.41 -17.13
C GLY A 673 -12.46 -5.06 -17.18
N GLY A 674 -13.49 -4.40 -16.63
CA GLY A 674 -14.81 -4.97 -16.62
C GLY A 674 -15.07 -6.00 -15.55
N SER A 675 -14.14 -6.21 -14.62
CA SER A 675 -14.27 -7.23 -13.59
C SER A 675 -14.14 -6.58 -12.22
N LEU A 676 -14.88 -7.12 -11.25
CA LEU A 676 -14.83 -6.64 -9.87
C LEU A 676 -13.97 -7.57 -9.03
N TYR A 677 -13.16 -6.98 -8.16
CA TYR A 677 -12.30 -7.72 -7.26
C TYR A 677 -12.34 -7.08 -5.89
N VAL A 678 -11.90 -7.84 -4.89
CA VAL A 678 -11.87 -7.39 -3.49
C VAL A 678 -10.42 -7.10 -3.13
N LYS A 679 -10.12 -5.85 -2.83
CA LYS A 679 -8.75 -5.46 -2.50
C LYS A 679 -8.37 -6.04 -1.15
N PRO A 680 -7.31 -6.85 -1.07
CA PRO A 680 -6.94 -7.41 0.24
C PRO A 680 -6.59 -6.36 1.27
N GLY A 681 -6.02 -5.24 0.84
CA GLY A 681 -5.62 -4.20 1.77
C GLY A 681 -4.68 -3.22 1.09
N GLY A 682 -3.94 -2.49 1.91
CA GLY A 682 -3.02 -1.48 1.41
C GLY A 682 -3.66 -0.11 1.33
N THR A 683 -3.04 0.74 0.50
CA THR A 683 -3.47 2.12 0.34
C THR A 683 -3.70 2.42 -1.13
N SER A 684 -4.75 3.16 -1.43
CA SER A 684 -5.04 3.61 -2.78
C SER A 684 -4.34 4.94 -3.02
N SER A 685 -3.83 5.13 -4.24
CA SER A 685 -3.06 6.32 -4.57
C SER A 685 -3.93 7.52 -4.91
N GLY A 686 -5.23 7.32 -5.14
CA GLY A 686 -6.13 8.40 -5.47
C GLY A 686 -6.90 8.96 -4.29
N ASP A 687 -6.49 8.67 -3.07
CA ASP A 687 -7.20 9.15 -1.89
C ASP A 687 -6.94 10.64 -1.69
N ALA A 688 -7.88 11.28 -0.97
CA ALA A 688 -7.71 12.69 -0.62
C ALA A 688 -6.58 12.90 0.36
N THR A 689 -6.12 11.85 1.04
CA THR A 689 -5.09 11.95 2.07
C THR A 689 -3.93 10.99 1.77
N THR A 690 -3.63 10.76 0.50
CA THR A 690 -2.61 9.77 0.15
C THR A 690 -1.24 10.17 0.68
N ALA A 691 -0.80 11.39 0.39
CA ALA A 691 0.53 11.83 0.79
C ALA A 691 0.65 11.92 2.31
N TYR A 692 -0.37 12.46 2.97
CA TYR A 692 -0.29 12.73 4.40
C TYR A 692 -0.40 11.45 5.22
N ALA A 693 -1.25 10.51 4.79
CA ALA A 693 -1.31 9.21 5.46
C ALA A 693 0.03 8.49 5.36
N ASN A 694 0.66 8.56 4.19
CA ASN A 694 1.97 7.92 4.03
C ASN A 694 3.04 8.62 4.86
N SER A 695 2.96 9.95 4.99
CA SER A 695 3.89 10.64 5.88
C SER A 695 3.71 10.19 7.33
N VAL A 696 2.45 10.03 7.77
CA VAL A 696 2.19 9.52 9.11
C VAL A 696 2.76 8.13 9.26
N PHE A 697 2.60 7.29 8.24
CA PHE A 697 3.16 5.93 8.27
C PHE A 697 4.68 5.96 8.40
N ASN A 698 5.33 6.85 7.64
CA ASN A 698 6.78 6.96 7.72
C ASN A 698 7.23 7.39 9.11
N ILE A 699 6.56 8.39 9.69
CA ILE A 699 6.92 8.83 11.03
C ILE A 699 6.72 7.70 12.04
N CYS A 700 5.61 6.96 11.89
CA CYS A 700 5.35 5.84 12.79
C CYS A 700 6.45 4.78 12.68
N GLN A 701 6.87 4.46 11.46
CA GLN A 701 7.93 3.48 11.28
C GLN A 701 9.24 3.96 11.90
N ALA A 702 9.56 5.24 11.72
CA ALA A 702 10.78 5.78 12.32
C ALA A 702 10.74 5.71 13.84
N VAL A 703 9.59 6.07 14.43
CA VAL A 703 9.48 6.03 15.89
C VAL A 703 9.57 4.59 16.38
N THR A 704 8.96 3.65 15.66
CA THR A 704 9.03 2.25 16.05
C THR A 704 10.47 1.76 15.98
N ALA A 705 11.22 2.16 14.95
CA ALA A 705 12.61 1.76 14.84
C ALA A 705 13.42 2.31 16.00
N ASN A 706 13.19 3.58 16.37
CA ASN A 706 13.92 4.15 17.49
C ASN A 706 13.59 3.44 18.79
N VAL A 707 12.31 3.13 19.01
CA VAL A 707 11.91 2.42 20.23
C VAL A 707 12.57 1.04 20.28
N ASN A 708 12.56 0.32 19.16
CA ASN A 708 13.19 -1.00 19.13
C ASN A 708 14.69 -0.90 19.39
N ALA A 709 15.34 0.10 18.81
CA ALA A 709 16.77 0.27 19.02
C ALA A 709 17.09 0.53 20.48
N LEU A 710 16.32 1.43 21.12
CA LEU A 710 16.59 1.77 22.51
C LEU A 710 16.38 0.57 23.43
N LEU A 711 15.28 -0.16 23.23
CA LEU A 711 14.99 -1.29 24.12
C LEU A 711 15.92 -2.47 23.86
N SER A 712 16.34 -2.67 22.61
CA SER A 712 17.23 -3.77 22.28
C SER A 712 18.62 -3.60 22.89
N THR A 713 18.96 -2.43 23.38
CA THR A 713 20.27 -2.21 23.99
C THR A 713 20.37 -2.92 25.33
N ASP A 714 21.61 -3.25 25.72
CA ASP A 714 21.81 -3.97 26.96
C ASP A 714 21.34 -3.17 28.16
N GLY A 715 21.60 -1.87 28.17
CA GLY A 715 21.23 -1.03 29.30
C GLY A 715 22.31 -0.92 30.35
N ASN A 716 22.84 -2.06 30.80
CA ASN A 716 23.93 -2.03 31.76
C ASN A 716 25.17 -1.39 31.15
N LYS A 717 25.46 -1.69 29.89
CA LYS A 717 26.64 -1.11 29.23
C LYS A 717 26.48 0.39 29.04
N ILE A 718 25.25 0.89 28.93
CA ILE A 718 25.04 2.31 28.75
C ILE A 718 25.64 3.06 29.94
N ALA A 719 26.58 3.95 29.66
CA ALA A 719 27.27 4.71 30.70
C ALA A 719 26.60 6.03 31.02
N ASP A 720 25.47 6.34 30.38
CA ASP A 720 24.75 7.58 30.62
C ASP A 720 23.54 7.29 31.52
N LYS A 721 23.50 7.94 32.68
CA LYS A 721 22.38 7.74 33.60
C LYS A 721 21.07 8.19 32.97
N TYR A 722 21.07 9.32 32.27
CA TYR A 722 19.84 9.83 31.67
C TYR A 722 19.27 8.86 30.66
N VAL A 723 20.12 8.29 29.80
CA VAL A 723 19.64 7.37 28.78
C VAL A 723 19.13 6.09 29.43
N ARG A 724 19.80 5.61 30.47
CA ARG A 724 19.34 4.41 31.16
C ARG A 724 17.96 4.64 31.79
N ASN A 725 17.78 5.78 32.44
CA ASN A 725 16.47 6.10 33.01
C ASN A 725 15.42 6.23 31.91
N LEU A 726 15.79 6.82 30.78
CA LEU A 726 14.86 6.95 29.67
C LEU A 726 14.43 5.58 29.17
N GLN A 727 15.37 4.65 29.04
CA GLN A 727 15.03 3.30 28.61
C GLN A 727 14.12 2.60 29.63
N HIS A 728 14.43 2.75 30.91
CA HIS A 728 13.60 2.14 31.94
C HIS A 728 12.17 2.68 31.89
N ARG A 729 12.03 4.00 31.77
CA ARG A 729 10.70 4.59 31.70
C ARG A 729 9.99 4.25 30.40
N LEU A 730 10.74 4.06 29.31
CA LEU A 730 10.14 3.59 28.07
C LEU A 730 9.53 2.21 28.26
N TYR A 731 10.29 1.30 28.88
CA TYR A 731 9.73 -0.02 29.16
C TYR A 731 8.53 0.08 30.08
N GLU A 732 8.60 0.94 31.09
CA GLU A 732 7.47 1.11 32.00
C GLU A 732 6.21 1.54 31.27
N CYS A 733 6.32 2.62 30.47
CA CYS A 733 5.17 3.13 29.74
C CYS A 733 4.75 2.21 28.60
N LEU A 734 5.59 1.24 28.22
CA LEU A 734 5.27 0.35 27.13
C LEU A 734 4.53 -0.90 27.61
N TYR A 735 5.13 -1.66 28.53
CA TYR A 735 4.60 -2.96 28.93
C TYR A 735 4.11 -3.01 30.37
N ARG A 736 4.01 -1.86 31.06
CA ARG A 736 3.60 -1.87 32.46
C ARG A 736 2.55 -0.83 32.82
N ASN A 737 2.32 0.20 31.99
CA ASN A 737 1.41 1.29 32.32
C ASN A 737 0.39 1.44 31.20
N ARG A 738 -0.89 1.51 31.57
CA ARG A 738 -1.96 1.63 30.60
C ARG A 738 -2.13 3.08 30.12
N ASP A 739 -2.45 3.97 31.05
CA ASP A 739 -2.77 5.35 30.68
C ASP A 739 -1.56 6.03 30.06
N VAL A 740 -1.82 6.92 29.12
CA VAL A 740 -0.74 7.63 28.44
C VAL A 740 -0.04 8.56 29.42
N ASP A 741 1.28 8.48 29.48
CA ASP A 741 2.09 9.35 30.32
C ASP A 741 2.53 10.54 29.48
N THR A 742 1.83 11.67 29.64
CA THR A 742 2.11 12.84 28.80
C THR A 742 3.52 13.34 29.00
N ASP A 743 4.00 13.35 30.26
CA ASP A 743 5.34 13.86 30.53
C ASP A 743 6.40 13.03 29.81
N PHE A 744 6.29 11.71 29.89
CA PHE A 744 7.28 10.87 29.23
C PHE A 744 7.15 10.94 27.71
N VAL A 745 5.93 11.09 27.19
CA VAL A 745 5.78 11.27 25.74
C VAL A 745 6.48 12.54 25.31
N ASN A 746 6.31 13.62 26.06
CA ASN A 746 6.99 14.87 25.75
C ASN A 746 8.51 14.69 25.79
N GLU A 747 9.00 14.01 26.83
CA GLU A 747 10.44 13.82 26.97
C GLU A 747 11.00 12.99 25.81
N PHE A 748 10.31 11.92 25.42
CA PHE A 748 10.77 11.08 24.33
C PHE A 748 10.73 11.83 23.01
N TYR A 749 9.68 12.63 22.80
CA TYR A 749 9.61 13.44 21.58
C TYR A 749 10.77 14.42 21.52
N ALA A 750 11.08 15.07 22.65
CA ALA A 750 12.22 15.98 22.68
C ALA A 750 13.52 15.23 22.41
N TYR A 751 13.68 14.05 22.99
CA TYR A 751 14.88 13.25 22.76
C TYR A 751 15.04 12.91 21.28
N LEU A 752 13.95 12.47 20.65
CA LEU A 752 14.02 12.14 19.23
C LEU A 752 14.35 13.37 18.40
N ARG A 753 13.71 14.51 18.71
CA ARG A 753 13.98 15.72 17.94
C ARG A 753 15.43 16.16 18.09
N LYS A 754 15.99 16.03 19.29
CA LYS A 754 17.38 16.43 19.51
C LYS A 754 18.34 15.51 18.79
N HIS A 755 18.14 14.19 18.90
CA HIS A 755 19.07 13.22 18.34
C HIS A 755 18.60 12.58 17.04
N PHE A 756 17.37 12.86 16.60
CA PHE A 756 16.80 12.22 15.41
C PHE A 756 15.95 13.27 14.70
N SER A 757 16.56 13.99 13.76
CA SER A 757 15.87 15.02 13.01
C SER A 757 15.42 14.43 11.68
N MET A 758 14.11 14.53 11.40
CA MET A 758 13.51 13.88 10.25
C MET A 758 12.93 14.91 9.30
N MET A 759 13.11 14.66 8.01
CA MET A 759 12.44 15.40 6.93
C MET A 759 11.70 14.37 6.10
N ILE A 760 10.38 14.44 6.10
CA ILE A 760 9.53 13.40 5.52
C ILE A 760 8.66 14.04 4.45
N LEU A 761 8.66 13.46 3.25
CA LEU A 761 7.69 13.80 2.20
C LEU A 761 7.13 12.49 1.66
N SER A 762 6.16 11.96 2.39
CA SER A 762 5.10 11.07 1.90
C SER A 762 5.60 9.70 1.43
N ASP A 763 6.88 9.59 1.09
CA ASP A 763 7.55 8.29 1.09
C ASP A 763 9.00 8.47 1.50
N ASP A 764 9.54 9.68 1.31
CA ASP A 764 10.98 9.89 1.31
C ASP A 764 11.40 10.54 2.62
N ALA A 765 12.40 9.96 3.26
CA ALA A 765 12.86 10.42 4.57
C ALA A 765 14.35 10.72 4.52
N VAL A 766 14.73 11.90 5.01
CA VAL A 766 16.13 12.25 5.24
C VAL A 766 16.28 12.48 6.74
N VAL A 767 17.20 11.75 7.36
CA VAL A 767 17.35 11.75 8.81
C VAL A 767 18.75 12.18 9.18
N CYS A 768 18.87 13.17 10.06
CA CYS A 768 20.12 13.54 10.69
C CYS A 768 20.15 12.94 12.09
N PHE A 769 21.20 12.17 12.38
CA PHE A 769 21.24 11.39 13.62
C PHE A 769 22.63 11.51 14.25
N ASN A 770 22.66 11.34 15.56
CA ASN A 770 23.91 11.46 16.31
C ASN A 770 24.80 10.24 16.05
N SER A 771 26.09 10.50 15.88
CA SER A 771 27.05 9.43 15.61
C SER A 771 27.11 8.45 16.77
N THR A 772 27.50 8.95 17.95
CA THR A 772 27.79 8.06 19.08
C THR A 772 26.54 7.33 19.54
N TYR A 773 25.40 8.02 19.59
CA TYR A 773 24.17 7.38 20.06
C TYR A 773 23.77 6.24 19.14
N ALA A 774 23.85 6.46 17.82
CA ALA A 774 23.54 5.39 16.88
C ALA A 774 24.54 4.25 16.99
N SER A 775 25.81 4.58 17.17
CA SER A 775 26.83 3.53 17.30
C SER A 775 26.58 2.68 18.55
N GLN A 776 26.16 3.30 19.64
CA GLN A 776 25.92 2.61 20.90
C GLN A 776 24.53 1.98 20.96
N GLY A 777 23.71 2.15 19.93
CA GLY A 777 22.36 1.60 19.91
C GLY A 777 21.32 2.49 20.56
N LEU A 778 21.69 3.67 21.03
CA LEU A 778 20.71 4.57 21.66
C LEU A 778 19.75 5.13 20.62
N VAL A 779 20.16 5.20 19.36
CA VAL A 779 19.34 5.74 18.29
C VAL A 779 19.30 4.72 17.16
N ALA A 780 18.18 4.70 16.43
CA ALA A 780 17.98 3.71 15.39
C ALA A 780 18.99 3.87 14.26
N SER A 781 19.40 2.74 13.69
CA SER A 781 20.28 2.68 12.53
C SER A 781 19.50 2.05 11.37
N ILE A 782 20.20 1.83 10.25
CA ILE A 782 19.57 1.21 9.09
C ILE A 782 19.09 -0.19 9.43
N LYS A 783 19.86 -0.93 10.24
CA LYS A 783 19.47 -2.29 10.59
C LYS A 783 18.16 -2.30 11.37
N ASN A 784 17.96 -1.32 12.25
CA ASN A 784 16.71 -1.23 12.99
C ASN A 784 15.53 -1.02 12.05
N PHE A 785 15.69 -0.13 11.06
CA PHE A 785 14.63 0.07 10.08
C PHE A 785 14.37 -1.20 9.28
N LYS A 786 15.42 -1.92 8.92
CA LYS A 786 15.24 -3.18 8.20
C LYS A 786 14.45 -4.18 9.02
N SER A 787 14.79 -4.31 10.32
CA SER A 787 14.07 -5.23 11.18
C SER A 787 12.60 -4.82 11.32
N VAL A 788 12.35 -3.51 11.50
CA VAL A 788 10.98 -3.05 11.65
C VAL A 788 10.17 -3.34 10.39
N LEU A 789 10.75 -3.02 9.23
CA LEU A 789 10.06 -3.31 7.97
C LEU A 789 9.86 -4.81 7.79
N TYR A 790 10.73 -5.63 8.37
CA TYR A 790 10.58 -7.07 8.26
C TYR A 790 9.40 -7.56 9.08
N TYR A 791 9.39 -7.28 10.38
CA TYR A 791 8.37 -7.87 11.24
C TYR A 791 7.08 -7.07 11.28
N GLN A 792 7.06 -5.85 10.75
CA GLN A 792 5.83 -5.05 10.66
C GLN A 792 5.32 -4.92 9.25
N ASN A 793 6.16 -4.47 8.31
CA ASN A 793 5.73 -4.24 6.94
C ASN A 793 5.77 -5.49 6.08
N ASN A 794 6.34 -6.58 6.56
CA ASN A 794 6.40 -7.85 5.82
C ASN A 794 7.11 -7.67 4.49
N VAL A 795 8.16 -6.84 4.47
CA VAL A 795 8.99 -6.65 3.30
C VAL A 795 10.43 -6.51 3.75
N PHE A 796 11.35 -6.97 2.89
CA PHE A 796 12.79 -6.90 3.17
C PHE A 796 13.35 -5.64 2.53
N MET A 797 14.09 -4.85 3.33
CA MET A 797 14.70 -3.63 2.86
C MET A 797 16.16 -3.90 2.53
N SER A 798 16.55 -3.63 1.28
CA SER A 798 17.90 -3.86 0.83
C SER A 798 18.76 -2.64 1.12
N GLU A 799 20.00 -2.88 1.57
CA GLU A 799 20.92 -1.78 1.87
C GLU A 799 21.32 -1.02 0.61
N ALA A 800 21.17 -1.62 -0.57
CA ALA A 800 21.53 -0.93 -1.80
C ALA A 800 20.65 0.30 -2.01
N LYS A 801 19.36 0.19 -1.73
CA LYS A 801 18.44 1.31 -1.89
C LYS A 801 18.52 2.30 -0.75
N CYS A 802 19.25 1.98 0.32
CA CYS A 802 19.45 2.89 1.45
C CYS A 802 20.83 3.52 1.36
N TRP A 803 20.93 4.78 1.77
CA TRP A 803 22.17 5.53 1.69
C TRP A 803 22.48 6.17 3.02
N THR A 804 23.78 6.28 3.31
CA THR A 804 24.27 6.97 4.49
C THR A 804 25.38 7.92 4.09
N GLU A 805 25.26 9.18 4.51
CA GLU A 805 26.24 10.22 4.22
C GLU A 805 26.98 10.57 5.49
N THR A 806 28.31 10.44 5.45
CA THR A 806 29.15 10.70 6.61
C THR A 806 29.33 12.20 6.85
N ASP A 807 29.43 12.98 5.77
CA ASP A 807 29.74 14.40 5.86
C ASP A 807 28.52 15.23 5.49
N LEU A 808 28.24 16.25 6.29
CA LEU A 808 27.08 17.10 6.04
C LEU A 808 27.28 18.01 4.84
N THR A 809 28.53 18.40 4.56
CA THR A 809 28.77 19.35 3.48
C THR A 809 28.29 18.81 2.14
N LYS A 810 28.51 17.51 1.89
CA LYS A 810 28.02 16.91 0.66
C LYS A 810 26.50 16.95 0.59
N GLY A 811 25.83 16.72 1.73
CA GLY A 811 24.39 16.77 1.80
C GLY A 811 23.75 15.42 1.55
N PRO A 812 22.43 15.38 1.59
CA PRO A 812 21.73 14.11 1.34
C PRO A 812 22.06 13.56 -0.04
N HIS A 813 22.21 12.24 -0.11
CA HIS A 813 22.53 11.60 -1.38
C HIS A 813 21.40 11.80 -2.39
N GLU A 814 20.16 11.65 -1.95
CA GLU A 814 19.02 11.80 -2.84
C GLU A 814 17.78 12.12 -2.02
N PHE A 815 16.99 13.06 -2.50
CA PHE A 815 15.71 13.42 -1.88
C PHE A 815 14.76 13.88 -2.97
N CYS A 816 13.63 13.18 -3.12
CA CYS A 816 12.67 13.49 -4.17
C CYS A 816 13.33 13.46 -5.54
N SER A 817 14.21 12.47 -5.75
CA SER A 817 14.93 12.25 -7.00
C SER A 817 15.95 13.34 -7.30
N GLN A 818 16.21 14.25 -6.36
CA GLN A 818 17.16 15.33 -6.54
C GLN A 818 18.37 15.11 -5.64
N HIS A 819 19.55 15.34 -6.20
CA HIS A 819 20.79 15.35 -5.44
C HIS A 819 21.13 16.77 -5.02
N THR A 820 22.08 16.90 -4.10
CA THR A 820 22.41 18.18 -3.48
C THR A 820 23.86 18.54 -3.77
N MET A 821 24.11 19.82 -4.05
CA MET A 821 25.46 20.36 -4.13
C MET A 821 25.57 21.60 -3.26
N LEU A 822 26.77 21.82 -2.72
CA LEU A 822 27.06 23.05 -1.99
C LEU A 822 27.75 24.03 -2.93
N VAL A 823 27.12 25.18 -3.18
CA VAL A 823 27.59 26.13 -4.17
C VAL A 823 27.66 27.53 -3.56
N LYS A 824 28.50 28.36 -4.17
CA LYS A 824 28.76 29.72 -3.70
C LYS A 824 27.83 30.69 -4.42
N GLN A 825 27.01 31.39 -3.67
CA GLN A 825 26.09 32.40 -4.21
C GLN A 825 26.14 33.64 -3.34
N GLY A 826 26.62 34.74 -3.90
CA GLY A 826 26.64 36.00 -3.17
C GLY A 826 27.42 35.95 -1.87
N ASP A 827 28.61 35.34 -1.89
CA ASP A 827 29.49 35.21 -0.74
C ASP A 827 28.93 34.27 0.32
N ASP A 828 27.84 33.58 0.04
CA ASP A 828 27.22 32.66 0.98
C ASP A 828 27.10 31.29 0.34
N TYR A 829 27.54 30.25 1.06
CA TYR A 829 27.41 28.89 0.57
C TYR A 829 26.01 28.36 0.86
N VAL A 830 25.39 27.78 -0.18
CA VAL A 830 24.02 27.31 -0.08
C VAL A 830 23.91 25.92 -0.69
N TYR A 831 22.88 25.20 -0.27
CA TYR A 831 22.59 23.87 -0.80
C TYR A 831 21.60 23.99 -1.95
N LEU A 832 21.93 23.37 -3.07
CA LEU A 832 21.21 23.54 -4.32
C LEU A 832 20.84 22.16 -4.84
N PRO A 833 19.56 21.92 -5.19
CA PRO A 833 19.17 20.61 -5.73
C PRO A 833 19.28 20.55 -7.24
N TYR A 834 19.81 19.43 -7.73
CA TYR A 834 19.90 19.18 -9.16
C TYR A 834 19.36 17.79 -9.48
N PRO A 835 18.72 17.62 -10.63
CA PRO A 835 18.21 16.30 -11.01
C PRO A 835 19.24 15.49 -11.80
N ASP A 836 18.89 14.24 -12.04
CA ASP A 836 19.71 13.40 -12.89
C ASP A 836 19.61 13.89 -14.34
N PRO A 837 20.73 14.15 -15.02
CA PRO A 837 20.64 14.65 -16.39
C PRO A 837 19.87 13.72 -17.32
N SER A 838 19.93 12.42 -17.08
CA SER A 838 19.24 11.47 -17.95
C SER A 838 17.74 11.70 -17.93
N ARG A 839 17.17 11.97 -16.75
CA ARG A 839 15.73 12.20 -16.65
C ARG A 839 15.32 13.42 -17.47
N ILE A 840 16.05 14.51 -17.33
CA ILE A 840 15.72 15.74 -18.06
C ILE A 840 15.87 15.52 -19.56
N LEU A 841 16.95 14.86 -19.97
CA LEU A 841 17.16 14.61 -21.40
C LEU A 841 16.07 13.73 -21.96
N GLY A 842 15.67 12.69 -21.23
CA GLY A 842 14.58 11.85 -21.69
C GLY A 842 13.26 12.60 -21.79
N ALA A 843 12.99 13.47 -20.82
CA ALA A 843 11.78 14.29 -20.89
C ALA A 843 11.81 15.18 -22.13
N GLY A 844 12.97 15.76 -22.43
CA GLY A 844 13.07 16.60 -23.61
C GLY A 844 12.91 15.82 -24.91
N CYS A 845 13.53 14.64 -24.99
CA CYS A 845 13.52 13.87 -26.23
C CYS A 845 12.18 13.20 -26.48
N PHE A 846 11.58 12.62 -25.44
CA PHE A 846 10.36 11.82 -25.57
C PHE A 846 9.19 12.56 -24.95
N VAL A 847 8.04 12.48 -25.61
CA VAL A 847 6.84 13.21 -25.22
C VAL A 847 5.66 12.25 -25.21
N ASP A 848 4.64 12.61 -24.41
CA ASP A 848 3.45 11.78 -24.28
C ASP A 848 2.76 11.58 -25.63
N ASP A 849 2.27 12.68 -26.21
CA ASP A 849 1.50 12.62 -27.44
C ASP A 849 2.12 13.53 -28.49
N ILE A 850 1.78 13.26 -29.76
CA ILE A 850 2.32 14.03 -30.87
C ILE A 850 1.77 15.45 -30.93
N VAL A 851 0.71 15.74 -30.17
CA VAL A 851 0.18 17.11 -30.14
C VAL A 851 1.24 18.06 -29.61
N LYS A 852 1.99 17.64 -28.58
CA LYS A 852 3.08 18.42 -28.02
C LYS A 852 4.42 18.09 -28.68
N THR A 853 4.41 17.63 -29.93
CA THR A 853 5.68 17.30 -30.60
C THR A 853 6.44 18.55 -31.00
N ASP A 854 5.74 19.57 -31.51
CA ASP A 854 6.37 20.79 -31.97
C ASP A 854 5.34 21.91 -31.95
N GLY A 855 5.85 23.14 -31.88
CA GLY A 855 5.02 24.33 -31.90
C GLY A 855 5.37 25.24 -30.74
N THR A 856 4.47 26.18 -30.46
CA THR A 856 4.68 27.11 -29.36
C THR A 856 4.69 26.41 -28.01
N LEU A 857 3.91 25.33 -27.88
CA LEU A 857 3.81 24.64 -26.60
C LEU A 857 5.15 24.05 -26.16
N MET A 858 6.06 23.80 -27.09
CA MET A 858 7.37 23.28 -26.71
C MET A 858 8.17 24.29 -25.90
N ILE A 859 7.93 25.58 -26.11
CA ILE A 859 8.69 26.61 -25.41
C ILE A 859 8.48 26.48 -23.90
N GLU A 860 7.22 26.31 -23.47
CA GLU A 860 6.95 26.18 -22.05
C GLU A 860 7.59 24.93 -21.46
N ARG A 861 7.49 23.80 -22.18
CA ARG A 861 8.06 22.56 -21.69
C ARG A 861 9.57 22.69 -21.52
N PHE A 862 10.25 23.25 -22.52
CA PHE A 862 11.69 23.38 -22.43
C PHE A 862 12.12 24.45 -21.43
N VAL A 863 11.29 25.48 -21.23
CA VAL A 863 11.59 26.46 -20.18
C VAL A 863 11.52 25.79 -18.81
N SER A 864 10.48 24.98 -18.58
CA SER A 864 10.39 24.26 -17.31
C SER A 864 11.56 23.30 -17.12
N LEU A 865 11.93 22.59 -18.19
CA LEU A 865 13.05 21.66 -18.10
C LEU A 865 14.35 22.40 -17.80
N ALA A 866 14.55 23.56 -18.43
CA ALA A 866 15.74 24.37 -18.15
C ALA A 866 15.72 24.88 -16.72
N ILE A 867 14.55 25.28 -16.21
CA ILE A 867 14.45 25.69 -14.82
C ILE A 867 14.89 24.56 -13.91
N ASP A 868 14.43 23.34 -14.21
CA ASP A 868 14.80 22.20 -13.37
C ASP A 868 16.29 21.85 -13.51
N ALA A 869 16.87 22.01 -14.69
CA ALA A 869 18.21 21.54 -14.97
C ALA A 869 19.30 22.60 -14.78
N TYR A 870 18.94 23.85 -14.51
CA TYR A 870 19.96 24.87 -14.31
C TYR A 870 20.97 24.49 -13.24
N PRO A 871 20.60 23.94 -12.08
CA PRO A 871 21.60 23.64 -11.05
C PRO A 871 22.73 22.76 -11.52
N LEU A 872 22.57 22.06 -12.65
CA LEU A 872 23.65 21.24 -13.19
C LEU A 872 24.83 22.08 -13.68
N THR A 873 24.66 23.39 -13.82
CA THR A 873 25.75 24.23 -14.31
C THR A 873 26.91 24.28 -13.33
N LYS A 874 26.62 24.25 -12.03
CA LYS A 874 27.66 24.32 -11.00
C LYS A 874 28.26 22.97 -10.68
N HIS A 875 27.77 21.90 -11.29
CA HIS A 875 28.33 20.57 -11.04
C HIS A 875 29.76 20.50 -11.59
N PRO A 876 30.67 19.81 -10.91
CA PRO A 876 32.04 19.70 -11.45
C PRO A 876 32.09 19.08 -12.83
N ASN A 877 31.21 18.12 -13.13
CA ASN A 877 31.20 17.50 -14.44
C ASN A 877 30.79 18.51 -15.50
N GLN A 878 31.52 18.52 -16.63
CA GLN A 878 31.26 19.51 -17.66
C GLN A 878 30.02 19.19 -18.47
N GLU A 879 29.76 17.90 -18.72
CA GLU A 879 28.58 17.52 -19.50
C GLU A 879 27.29 17.90 -18.78
N TYR A 880 27.27 17.75 -17.45
CA TYR A 880 26.09 18.13 -16.68
C TYR A 880 25.77 19.60 -16.89
N ALA A 881 26.79 20.45 -16.83
CA ALA A 881 26.58 21.87 -17.09
C ALA A 881 26.17 22.11 -18.55
N ASP A 882 26.80 21.39 -19.48
CA ASP A 882 26.48 21.57 -20.90
C ASP A 882 25.05 21.20 -21.21
N VAL A 883 24.41 20.37 -20.39
CA VAL A 883 23.01 20.04 -20.62
C VAL A 883 22.14 21.29 -20.60
N PHE A 884 22.37 22.16 -19.61
CA PHE A 884 21.58 23.38 -19.49
C PHE A 884 21.80 24.30 -20.69
N HIS A 885 23.06 24.44 -21.13
CA HIS A 885 23.33 25.26 -22.30
C HIS A 885 22.71 24.67 -23.55
N LEU A 886 22.70 23.34 -23.68
CA LEU A 886 22.01 22.72 -24.79
C LEU A 886 20.53 23.06 -24.78
N TYR A 887 19.91 23.00 -23.60
CA TYR A 887 18.49 23.33 -23.50
C TYR A 887 18.24 24.79 -23.89
N LEU A 888 19.11 25.70 -23.42
CA LEU A 888 18.94 27.11 -23.75
C LEU A 888 19.09 27.34 -25.25
N GLN A 889 20.10 26.71 -25.87
CA GLN A 889 20.30 26.88 -27.31
C GLN A 889 19.15 26.29 -28.09
N TYR A 890 18.58 25.18 -27.62
CA TYR A 890 17.43 24.61 -28.31
C TYR A 890 16.22 25.53 -28.18
N ILE A 891 16.06 26.18 -27.04
CA ILE A 891 14.98 27.16 -26.89
C ILE A 891 15.18 28.31 -27.88
N ARG A 892 16.43 28.79 -28.00
CA ARG A 892 16.75 29.80 -29.02
C ARG A 892 16.36 29.32 -30.41
N LYS A 893 16.74 28.10 -30.77
CA LYS A 893 16.46 27.61 -32.11
C LYS A 893 14.95 27.49 -32.35
N LEU A 894 14.21 27.02 -31.36
CA LEU A 894 12.76 26.93 -31.50
C LEU A 894 12.13 28.30 -31.66
N HIS A 895 12.59 29.29 -30.90
CA HIS A 895 12.07 30.63 -31.08
C HIS A 895 12.39 31.16 -32.46
N ASP A 896 13.59 30.90 -32.96
CA ASP A 896 13.94 31.34 -34.31
C ASP A 896 13.04 30.69 -35.36
N GLU A 897 12.80 29.39 -35.21
CA GLU A 897 11.91 28.70 -36.14
C GLU A 897 10.50 29.26 -36.08
N LEU A 898 10.01 29.53 -34.88
CA LEU A 898 8.67 30.10 -34.73
C LEU A 898 8.58 31.46 -35.40
N THR A 899 9.60 32.30 -35.22
CA THR A 899 9.62 33.62 -35.82
C THR A 899 9.69 33.53 -37.34
N ASP A 913 11.01 40.84 -27.37
CA ASP A 913 12.07 41.26 -26.47
C ASP A 913 12.02 40.50 -25.14
N ASN A 914 10.81 40.40 -24.57
CA ASN A 914 10.66 39.70 -23.30
C ASN A 914 11.10 38.25 -23.43
N THR A 915 10.80 37.62 -24.56
CA THR A 915 11.19 36.24 -24.78
C THR A 915 12.70 36.04 -24.63
N SER A 916 13.48 37.11 -24.74
CA SER A 916 14.92 37.00 -24.52
C SER A 916 15.21 36.32 -23.19
N ARG A 917 14.45 36.69 -22.15
CA ARG A 917 14.71 36.15 -20.82
C ARG A 917 14.66 34.62 -20.81
N TYR A 918 13.92 34.02 -21.76
CA TYR A 918 13.84 32.56 -21.80
C TYR A 918 15.22 31.94 -22.07
N TRP A 919 15.97 32.50 -23.02
CA TRP A 919 17.28 31.95 -23.35
C TRP A 919 18.42 32.69 -22.67
N GLU A 920 18.12 33.75 -21.92
CA GLU A 920 19.16 34.34 -21.09
C GLU A 920 19.19 33.68 -19.72
N PRO A 921 20.37 33.36 -19.18
CA PRO A 921 20.43 32.56 -17.94
C PRO A 921 20.05 33.32 -16.68
N GLU A 922 19.81 34.63 -16.75
CA GLU A 922 19.44 35.38 -15.56
C GLU A 922 18.08 34.96 -15.02
N PHE A 923 17.14 34.60 -15.90
CA PHE A 923 15.83 34.16 -15.47
C PHE A 923 15.94 32.90 -14.61
N TYR A 924 16.79 31.96 -15.01
CA TYR A 924 16.99 30.75 -14.25
C TYR A 924 17.86 30.98 -13.02
N GLU A 925 18.77 31.97 -13.09
CA GLU A 925 19.50 32.39 -11.90
C GLU A 925 18.55 32.85 -10.81
N ALA A 926 17.57 33.68 -11.18
CA ALA A 926 16.68 34.27 -10.18
C ALA A 926 15.86 33.21 -9.46
N MET A 927 15.55 32.10 -10.12
CA MET A 927 14.65 31.10 -9.55
C MET A 927 15.23 30.41 -8.32
N TYR A 928 16.57 30.39 -8.18
CA TYR A 928 17.22 29.67 -7.09
C TYR A 928 17.87 30.60 -6.08
N THR A 929 17.51 31.89 -6.09
CA THR A 929 18.04 32.82 -5.10
C THR A 929 17.01 33.07 -4.01
N PRO A 930 17.45 33.32 -2.77
CA PRO A 930 16.51 33.46 -1.64
C PRO A 930 15.75 34.78 -1.62
N HIS A 931 15.75 35.56 -2.69
CA HIS A 931 15.03 36.84 -2.68
C HIS A 931 13.55 36.63 -2.44
N THR A 932 12.95 35.65 -3.10
CA THR A 932 11.52 35.36 -2.94
C THR A 932 11.32 34.05 -2.19
N GLU B 80 -28.53 22.58 -13.88
CA GLU B 80 -29.91 22.20 -13.62
C GLU B 80 -30.38 21.19 -14.66
N ASP B 81 -30.32 21.59 -15.94
CA ASP B 81 -30.66 20.65 -17.01
C ASP B 81 -29.72 19.45 -17.02
N LYS B 82 -28.43 19.70 -16.84
CA LYS B 82 -27.48 18.59 -16.76
C LYS B 82 -27.70 17.77 -15.50
N ARG B 83 -28.12 18.40 -14.41
CA ARG B 83 -28.46 17.65 -13.20
C ARG B 83 -29.63 16.70 -13.47
N ALA B 84 -30.66 17.19 -14.15
CA ALA B 84 -31.78 16.33 -14.52
C ALA B 84 -31.33 15.21 -15.45
N LYS B 85 -30.43 15.53 -16.38
CA LYS B 85 -29.92 14.49 -17.28
C LYS B 85 -29.20 13.39 -16.49
N VAL B 86 -28.37 13.79 -15.52
CA VAL B 86 -27.65 12.81 -14.72
C VAL B 86 -28.62 11.98 -13.90
N THR B 87 -29.64 12.61 -13.31
CA THR B 87 -30.63 11.86 -12.54
C THR B 87 -31.33 10.83 -13.43
N SER B 88 -31.74 11.25 -14.62
CA SER B 88 -32.41 10.34 -15.54
C SER B 88 -31.50 9.19 -15.95
N ALA B 89 -30.22 9.50 -16.22
CA ALA B 89 -29.29 8.45 -16.61
C ALA B 89 -29.09 7.45 -15.49
N MET B 90 -28.92 7.92 -14.25
CA MET B 90 -28.75 7.01 -13.13
C MET B 90 -29.98 6.15 -12.91
N GLN B 91 -31.18 6.75 -13.00
CA GLN B 91 -32.40 5.97 -12.84
C GLN B 91 -32.53 4.93 -13.94
N THR B 92 -32.22 5.32 -15.19
CA THR B 92 -32.30 4.36 -16.28
C THR B 92 -31.31 3.21 -16.09
N MET B 93 -30.10 3.51 -15.64
CA MET B 93 -29.12 2.46 -15.40
C MET B 93 -29.60 1.51 -14.31
N LEU B 94 -30.14 2.07 -13.21
CA LEU B 94 -30.62 1.22 -12.13
C LEU B 94 -31.77 0.33 -12.59
N PHE B 95 -32.72 0.89 -13.35
CA PHE B 95 -33.84 0.08 -13.83
C PHE B 95 -33.40 -0.94 -14.86
N THR B 96 -32.40 -0.62 -15.69
CA THR B 96 -31.88 -1.61 -16.62
C THR B 96 -31.22 -2.76 -15.88
N MET B 97 -30.45 -2.45 -14.84
CA MET B 97 -29.86 -3.50 -14.01
C MET B 97 -30.96 -4.34 -13.35
N LEU B 98 -32.06 -3.69 -12.95
CA LEU B 98 -33.18 -4.44 -12.40
C LEU B 98 -33.75 -5.40 -13.43
N ARG B 99 -33.94 -4.93 -14.67
CA ARG B 99 -34.38 -5.83 -15.74
C ARG B 99 -33.40 -6.98 -15.92
N LYS B 100 -32.11 -6.72 -15.70
CA LYS B 100 -31.09 -7.76 -15.75
C LYS B 100 -31.02 -8.57 -14.47
N LEU B 101 -31.84 -8.25 -13.47
CA LEU B 101 -31.86 -8.94 -12.19
C LEU B 101 -33.07 -9.86 -12.12
N ASP B 102 -32.86 -11.04 -11.54
CA ASP B 102 -33.90 -12.04 -11.38
C ASP B 102 -34.13 -12.32 -9.90
N ASN B 103 -35.39 -12.33 -9.49
CA ASN B 103 -35.74 -12.47 -8.08
C ASN B 103 -36.00 -13.91 -7.64
N ASP B 104 -35.98 -14.88 -8.55
CA ASP B 104 -36.34 -16.25 -8.18
C ASP B 104 -35.41 -16.79 -7.10
N ALA B 105 -34.10 -16.62 -7.27
CA ALA B 105 -33.14 -17.11 -6.29
C ALA B 105 -32.83 -16.06 -5.22
N LEU B 106 -32.87 -14.78 -5.59
CA LEU B 106 -32.66 -13.74 -4.60
C LEU B 106 -33.70 -13.80 -3.50
N ASN B 107 -34.96 -13.98 -3.86
CA ASN B 107 -36.00 -14.11 -2.84
C ASN B 107 -35.79 -15.35 -1.99
N ASN B 108 -35.31 -16.44 -2.61
CA ASN B 108 -35.03 -17.66 -1.85
C ASN B 108 -33.99 -17.38 -0.76
N ILE B 109 -32.88 -16.76 -1.15
CA ILE B 109 -31.81 -16.50 -0.17
C ILE B 109 -32.26 -15.48 0.86
N ILE B 110 -33.06 -14.50 0.45
CA ILE B 110 -33.56 -13.49 1.39
C ILE B 110 -34.45 -14.13 2.43
N ASN B 111 -35.37 -15.00 2.00
CA ASN B 111 -36.28 -15.65 2.93
C ASN B 111 -35.54 -16.63 3.83
N ASN B 112 -34.55 -17.33 3.28
CA ASN B 112 -33.78 -18.27 4.09
C ASN B 112 -33.04 -17.55 5.22
N ALA B 113 -32.46 -16.39 4.92
CA ALA B 113 -31.73 -15.65 5.94
C ALA B 113 -32.66 -15.18 7.05
N ARG B 114 -32.25 -15.43 8.30
CA ARG B 114 -33.05 -15.00 9.44
C ARG B 114 -33.10 -13.48 9.53
N ASP B 115 -31.94 -12.83 9.49
CA ASP B 115 -31.87 -11.38 9.57
C ASP B 115 -32.26 -10.71 8.26
N GLY B 116 -32.18 -11.42 7.14
CA GLY B 116 -32.43 -10.85 5.83
C GLY B 116 -31.24 -10.19 5.19
N CYS B 117 -30.09 -10.15 5.87
CA CYS B 117 -28.87 -9.56 5.34
C CYS B 117 -27.97 -10.67 4.82
N VAL B 118 -27.44 -10.48 3.61
CA VAL B 118 -26.55 -11.46 3.01
C VAL B 118 -25.30 -10.74 2.49
N PRO B 119 -24.13 -11.36 2.52
CA PRO B 119 -22.95 -10.74 1.89
C PRO B 119 -23.18 -10.51 0.41
N LEU B 120 -22.63 -9.39 -0.09
CA LEU B 120 -22.77 -9.10 -1.51
C LEU B 120 -22.03 -10.13 -2.36
N ASN B 121 -20.82 -10.51 -1.94
CA ASN B 121 -19.99 -11.38 -2.77
C ASN B 121 -20.68 -12.69 -3.10
N ILE B 122 -21.52 -13.20 -2.20
CA ILE B 122 -22.16 -14.49 -2.43
C ILE B 122 -23.34 -14.40 -3.38
N ILE B 123 -23.87 -13.20 -3.62
CA ILE B 123 -25.03 -13.06 -4.51
C ILE B 123 -24.72 -13.55 -5.91
N PRO B 124 -23.67 -13.09 -6.59
CA PRO B 124 -23.35 -13.66 -7.91
C PRO B 124 -23.05 -15.14 -7.87
N LEU B 125 -22.46 -15.62 -6.77
CA LEU B 125 -22.07 -17.03 -6.70
C LEU B 125 -23.28 -17.95 -6.80
N THR B 126 -24.36 -17.63 -6.08
CA THR B 126 -25.53 -18.49 -6.00
C THR B 126 -26.68 -18.04 -6.90
N THR B 127 -26.50 -16.97 -7.66
CA THR B 127 -27.59 -16.43 -8.48
C THR B 127 -27.19 -16.13 -9.92
N ALA B 128 -25.90 -16.10 -10.24
CA ALA B 128 -25.48 -15.80 -11.61
C ALA B 128 -25.80 -16.98 -12.51
N ALA B 129 -26.56 -16.72 -13.58
CA ALA B 129 -26.86 -17.76 -14.55
C ALA B 129 -25.69 -18.04 -15.48
N LYS B 130 -24.87 -17.03 -15.75
CA LYS B 130 -23.73 -17.15 -16.66
C LYS B 130 -22.42 -17.03 -15.89
N LEU B 131 -21.45 -17.86 -16.24
CA LEU B 131 -20.14 -17.86 -15.61
C LEU B 131 -19.08 -17.62 -16.67
N MET B 132 -18.15 -16.71 -16.36
CA MET B 132 -17.01 -16.42 -17.24
C MET B 132 -15.74 -16.75 -16.49
N VAL B 133 -14.87 -17.55 -17.11
CA VAL B 133 -13.60 -17.96 -16.51
C VAL B 133 -12.47 -17.53 -17.43
N VAL B 134 -11.44 -16.93 -16.83
CA VAL B 134 -10.24 -16.48 -17.54
C VAL B 134 -9.15 -17.51 -17.30
N ILE B 135 -8.57 -18.03 -18.38
CA ILE B 135 -7.57 -19.09 -18.33
C ILE B 135 -6.25 -18.50 -18.82
N PRO B 136 -5.24 -18.34 -17.95
CA PRO B 136 -3.96 -17.81 -18.44
C PRO B 136 -3.18 -18.81 -19.28
N ASP B 137 -3.21 -20.09 -18.93
CA ASP B 137 -2.43 -21.11 -19.61
C ASP B 137 -3.23 -22.40 -19.70
N TYR B 138 -2.69 -23.35 -20.47
CA TYR B 138 -3.40 -24.61 -20.68
C TYR B 138 -3.38 -25.47 -19.41
N ASN B 139 -2.39 -25.28 -18.54
CA ASN B 139 -2.34 -26.07 -17.32
C ASN B 139 -3.54 -25.78 -16.43
N THR B 140 -3.83 -24.50 -16.21
CA THR B 140 -5.04 -24.13 -15.49
C THR B 140 -6.28 -24.58 -16.24
N TYR B 141 -6.19 -24.66 -17.58
CA TYR B 141 -7.34 -25.15 -18.35
C TYR B 141 -7.67 -26.59 -18.00
N LYS B 142 -6.66 -27.46 -18.01
CA LYS B 142 -6.95 -28.84 -17.64
C LYS B 142 -7.33 -28.96 -16.18
N ASN B 143 -6.73 -28.13 -15.31
CA ASN B 143 -7.03 -28.22 -13.88
C ASN B 143 -8.48 -27.84 -13.59
N THR B 144 -8.98 -26.79 -14.23
CA THR B 144 -10.26 -26.19 -13.84
C THR B 144 -11.44 -26.70 -14.65
N CYS B 145 -11.41 -26.51 -15.97
CA CYS B 145 -12.57 -26.75 -16.83
C CYS B 145 -12.16 -27.53 -18.08
N ASP B 146 -11.44 -28.64 -17.87
CA ASP B 146 -10.94 -29.42 -19.00
C ASP B 146 -12.06 -29.85 -19.94
N GLY B 147 -13.14 -30.39 -19.38
CA GLY B 147 -14.22 -30.93 -20.18
C GLY B 147 -15.28 -29.91 -20.53
N THR B 148 -16.25 -30.36 -21.34
CA THR B 148 -17.38 -29.51 -21.71
C THR B 148 -18.23 -29.13 -20.51
N THR B 149 -18.23 -29.96 -19.47
CA THR B 149 -18.95 -29.68 -18.23
C THR B 149 -17.98 -29.77 -17.07
N PHE B 150 -18.07 -28.82 -16.15
CA PHE B 150 -17.18 -28.78 -14.99
C PHE B 150 -17.96 -28.36 -13.76
N THR B 151 -17.30 -28.43 -12.62
CA THR B 151 -17.90 -28.12 -11.32
C THR B 151 -17.14 -26.97 -10.67
N TYR B 152 -17.89 -25.96 -10.23
CA TYR B 152 -17.31 -24.80 -9.57
C TYR B 152 -18.37 -24.19 -8.65
N ALA B 153 -17.94 -23.73 -7.48
CA ALA B 153 -18.83 -23.11 -6.52
C ALA B 153 -20.00 -24.04 -6.19
N SER B 154 -19.71 -25.33 -6.08
CA SER B 154 -20.72 -26.34 -5.77
C SER B 154 -21.87 -26.28 -6.79
N ALA B 155 -21.53 -26.04 -8.04
CA ALA B 155 -22.53 -26.00 -9.12
C ALA B 155 -21.91 -26.56 -10.38
N LEU B 156 -22.78 -27.11 -11.25
CA LEU B 156 -22.34 -27.71 -12.50
C LEU B 156 -22.56 -26.71 -13.63
N TRP B 157 -21.49 -26.39 -14.34
CA TRP B 157 -21.54 -25.45 -15.46
C TRP B 157 -21.17 -26.16 -16.75
N GLU B 158 -21.99 -25.97 -17.78
CA GLU B 158 -21.76 -26.53 -19.11
C GLU B 158 -21.35 -25.42 -20.05
N ILE B 159 -20.25 -25.64 -20.78
CA ILE B 159 -19.64 -24.58 -21.56
C ILE B 159 -20.50 -24.24 -22.77
N GLN B 160 -20.60 -22.94 -23.06
CA GLN B 160 -21.29 -22.43 -24.25
C GLN B 160 -20.35 -21.82 -25.27
N GLN B 161 -19.29 -21.14 -24.85
CA GLN B 161 -18.40 -20.48 -25.80
C GLN B 161 -17.01 -20.39 -25.21
N VAL B 162 -16.00 -20.32 -26.09
CA VAL B 162 -14.61 -20.16 -25.69
C VAL B 162 -13.96 -19.20 -26.70
N VAL B 163 -13.66 -17.99 -26.26
CA VAL B 163 -13.02 -16.99 -27.11
C VAL B 163 -11.59 -16.78 -26.63
N ASP B 164 -10.79 -16.14 -27.48
CA ASP B 164 -9.40 -15.82 -27.18
C ASP B 164 -9.26 -14.34 -26.84
N ALA B 165 -8.01 -13.92 -26.61
CA ALA B 165 -7.74 -12.52 -26.30
C ALA B 165 -8.13 -11.59 -27.44
N ASP B 166 -8.22 -12.11 -28.66
CA ASP B 166 -8.58 -11.30 -29.83
C ASP B 166 -10.07 -11.34 -30.12
N SER B 167 -10.87 -11.98 -29.26
CA SER B 167 -12.31 -12.05 -29.44
C SER B 167 -12.68 -12.92 -30.65
N LYS B 168 -11.96 -14.02 -30.83
CA LYS B 168 -12.23 -14.99 -31.87
C LYS B 168 -12.76 -16.27 -31.25
N ILE B 169 -13.65 -16.94 -31.98
CA ILE B 169 -14.35 -18.12 -31.46
C ILE B 169 -13.45 -19.33 -31.53
N VAL B 170 -12.73 -19.62 -30.45
CA VAL B 170 -11.87 -20.79 -30.37
C VAL B 170 -12.74 -22.01 -30.06
N GLN B 171 -12.57 -23.06 -30.84
CA GLN B 171 -13.34 -24.29 -30.67
C GLN B 171 -12.69 -25.18 -29.61
N LEU B 172 -13.51 -26.08 -29.05
CA LEU B 172 -13.02 -26.97 -28.01
C LEU B 172 -11.90 -27.89 -28.52
N SER B 173 -12.05 -28.38 -29.76
CA SER B 173 -11.06 -29.30 -30.30
C SER B 173 -9.70 -28.62 -30.43
N GLU B 174 -9.67 -27.36 -30.83
CA GLU B 174 -8.41 -26.66 -31.02
C GLU B 174 -7.61 -26.57 -29.73
N ILE B 175 -8.29 -26.54 -28.59
CA ILE B 175 -7.60 -26.41 -27.30
C ILE B 175 -6.91 -27.75 -27.01
N SER B 176 -5.59 -27.73 -26.98
CA SER B 176 -4.81 -28.94 -26.70
C SER B 176 -3.35 -28.54 -26.48
N MET B 177 -2.59 -29.47 -25.94
CA MET B 177 -1.17 -29.21 -25.71
C MET B 177 -0.43 -28.92 -27.01
N ASP B 178 -0.74 -29.69 -28.06
CA ASP B 178 -0.05 -29.50 -29.33
C ASP B 178 -0.32 -28.11 -29.91
N ASN B 179 -1.57 -27.67 -29.86
CA ASN B 179 -1.97 -26.40 -30.45
C ASN B 179 -2.01 -25.26 -29.46
N SER B 180 -1.62 -25.49 -28.20
CA SER B 180 -1.64 -24.41 -27.23
C SER B 180 -0.79 -23.22 -27.65
N PRO B 181 0.41 -23.39 -28.23
CA PRO B 181 1.20 -22.21 -28.61
C PRO B 181 0.53 -21.34 -29.66
N ASN B 182 -0.42 -21.89 -30.42
CA ASN B 182 -1.09 -21.14 -31.48
C ASN B 182 -2.33 -20.41 -31.00
N LEU B 183 -2.64 -20.48 -29.71
CA LEU B 183 -3.82 -19.83 -29.15
C LEU B 183 -3.42 -18.52 -28.47
N ALA B 184 -4.26 -17.49 -28.65
CA ALA B 184 -4.01 -16.18 -28.07
C ALA B 184 -4.52 -16.16 -26.64
N TRP B 185 -3.69 -16.66 -25.73
CA TRP B 185 -4.05 -16.67 -24.32
C TRP B 185 -4.07 -15.24 -23.78
N PRO B 186 -4.84 -14.99 -22.70
CA PRO B 186 -5.70 -15.93 -21.99
C PRO B 186 -6.99 -16.26 -22.73
N LEU B 187 -7.61 -17.39 -22.38
CA LEU B 187 -8.86 -17.83 -23.00
C LEU B 187 -10.02 -17.49 -22.08
N ILE B 188 -11.07 -16.90 -22.65
CA ILE B 188 -12.27 -16.54 -21.90
C ILE B 188 -13.33 -17.58 -22.25
N VAL B 189 -13.73 -18.37 -21.25
CA VAL B 189 -14.74 -19.41 -21.44
C VAL B 189 -16.02 -19.00 -20.73
N THR B 190 -17.12 -19.01 -21.47
CA THR B 190 -18.43 -18.64 -20.97
C THR B 190 -19.32 -19.87 -20.94
N ALA B 191 -19.92 -20.12 -19.78
CA ALA B 191 -20.77 -21.29 -19.55
C ALA B 191 -22.05 -20.85 -18.86
N LEU B 192 -23.05 -21.73 -18.90
CA LEU B 192 -24.33 -21.48 -18.27
C LEU B 192 -24.59 -22.51 -17.18
N ARG B 193 -25.31 -22.08 -16.15
CA ARG B 193 -25.62 -22.97 -15.04
C ARG B 193 -26.51 -24.12 -15.51
N ALA B 194 -26.19 -25.32 -15.05
CA ALA B 194 -26.95 -26.51 -15.43
C ALA B 194 -28.16 -26.69 -14.51
N SER C 4 25.71 8.31 -31.00
CA SER C 4 26.19 6.91 -30.82
C SER C 4 25.20 5.92 -31.43
N LYS C 5 25.68 4.71 -31.73
CA LYS C 5 24.81 3.71 -32.33
C LYS C 5 23.78 3.17 -31.35
N MET C 6 24.12 3.08 -30.06
CA MET C 6 23.16 2.55 -29.10
C MET C 6 21.97 3.48 -28.96
N SER C 7 22.22 4.78 -28.81
CA SER C 7 21.12 5.74 -28.62
C SER C 7 20.22 5.81 -29.85
N ASP C 8 20.82 5.90 -31.04
CA ASP C 8 20.00 5.99 -32.25
C ASP C 8 19.29 4.68 -32.52
N VAL C 9 19.88 3.55 -32.12
CA VAL C 9 19.17 2.27 -32.21
C VAL C 9 17.95 2.29 -31.31
N LYS C 10 18.10 2.79 -30.09
CA LYS C 10 16.95 2.90 -29.20
C LYS C 10 15.86 3.78 -29.80
N CYS C 11 16.26 4.93 -30.37
CA CYS C 11 15.28 5.83 -30.97
C CYS C 11 14.58 5.17 -32.16
N THR C 12 15.35 4.46 -32.99
CA THR C 12 14.76 3.73 -34.11
C THR C 12 13.77 2.69 -33.62
N SER C 13 14.11 1.97 -32.55
CA SER C 13 13.18 0.99 -32.01
C SER C 13 11.90 1.66 -31.52
N VAL C 14 12.03 2.81 -30.85
CA VAL C 14 10.84 3.52 -30.36
C VAL C 14 9.95 3.91 -31.52
N VAL C 15 10.53 4.50 -32.56
CA VAL C 15 9.71 4.96 -33.68
C VAL C 15 9.11 3.77 -34.44
N LEU C 16 9.85 2.65 -34.55
CA LEU C 16 9.29 1.47 -35.19
C LEU C 16 8.11 0.93 -34.41
N LEU C 17 8.20 0.91 -33.07
CA LEU C 17 7.07 0.47 -32.28
C LEU C 17 5.89 1.42 -32.44
N SER C 18 6.16 2.72 -32.52
CA SER C 18 5.08 3.69 -32.71
C SER C 18 4.36 3.44 -34.04
N VAL C 19 5.11 3.26 -35.12
CA VAL C 19 4.48 3.03 -36.41
C VAL C 19 3.74 1.69 -36.42
N LEU C 20 4.32 0.67 -35.77
CA LEU C 20 3.63 -0.61 -35.66
C LEU C 20 2.29 -0.46 -34.96
N GLN C 21 2.29 0.27 -33.84
CA GLN C 21 1.03 0.51 -33.13
C GLN C 21 0.04 1.25 -34.02
N GLN C 22 0.51 2.23 -34.78
CA GLN C 22 -0.35 2.93 -35.72
C GLN C 22 -0.82 2.03 -36.86
N LEU C 23 -0.17 0.88 -37.08
CA LEU C 23 -0.60 -0.07 -38.08
C LEU C 23 -1.62 -1.08 -37.55
N ARG C 24 -2.23 -0.81 -36.40
CA ARG C 24 -3.24 -1.68 -35.81
C ARG C 24 -2.67 -3.05 -35.47
N VAL C 25 -1.37 -3.11 -35.18
CA VAL C 25 -0.75 -4.37 -34.77
C VAL C 25 -1.31 -4.82 -33.43
N GLU C 26 -1.74 -3.88 -32.59
CA GLU C 26 -2.22 -4.22 -31.26
C GLU C 26 -3.50 -5.05 -31.29
N SER C 27 -4.17 -5.15 -32.45
CA SER C 27 -5.34 -6.00 -32.55
C SER C 27 -4.99 -7.46 -32.25
N SER C 28 -3.83 -7.92 -32.73
CA SER C 28 -3.35 -9.26 -32.45
C SER C 28 -2.59 -9.25 -31.13
N SER C 29 -3.01 -10.10 -30.19
CA SER C 29 -2.44 -10.06 -28.84
C SER C 29 -0.99 -10.54 -28.84
N LYS C 30 -0.72 -11.69 -29.46
CA LYS C 30 0.61 -12.27 -29.36
C LYS C 30 1.64 -11.45 -30.12
N LEU C 31 1.29 -10.94 -31.30
CA LEU C 31 2.22 -10.11 -32.06
C LEU C 31 2.56 -8.84 -31.30
N TRP C 32 1.56 -8.20 -30.70
CA TRP C 32 1.80 -7.02 -29.86
C TRP C 32 2.67 -7.37 -28.66
N ALA C 33 2.43 -8.52 -28.03
CA ALA C 33 3.26 -8.91 -26.90
C ALA C 33 4.71 -9.08 -27.32
N GLN C 34 4.95 -9.73 -28.46
CA GLN C 34 6.31 -9.92 -28.94
C GLN C 34 6.97 -8.57 -29.24
N CYS C 35 6.25 -7.69 -29.94
CA CYS C 35 6.82 -6.39 -30.28
C CYS C 35 7.14 -5.58 -29.03
N VAL C 36 6.23 -5.58 -28.05
CA VAL C 36 6.45 -4.83 -26.83
C VAL C 36 7.65 -5.38 -26.06
N GLN C 37 7.75 -6.71 -25.98
CA GLN C 37 8.88 -7.32 -25.29
C GLN C 37 10.19 -6.94 -25.98
N LEU C 38 10.21 -7.02 -27.31
CA LEU C 38 11.43 -6.69 -28.05
C LEU C 38 11.82 -5.24 -27.83
N HIS C 39 10.84 -4.33 -27.91
CA HIS C 39 11.13 -2.90 -27.73
C HIS C 39 11.63 -2.61 -26.31
N ASN C 40 10.97 -3.20 -25.31
CA ASN C 40 11.40 -2.96 -23.93
C ASN C 40 12.80 -3.49 -23.70
N ASP C 41 13.11 -4.68 -24.23
CA ASP C 41 14.46 -5.21 -24.11
C ASP C 41 15.47 -4.31 -24.80
N ILE C 42 15.11 -3.77 -25.97
CA ILE C 42 16.01 -2.88 -26.68
C ILE C 42 16.31 -1.64 -25.83
N LEU C 43 15.28 -1.06 -25.23
CA LEU C 43 15.48 0.13 -24.40
C LEU C 43 16.38 -0.19 -23.20
N LEU C 44 16.14 -1.32 -22.54
CA LEU C 44 16.91 -1.70 -21.37
C LEU C 44 18.21 -2.41 -21.71
N ALA C 45 18.44 -2.74 -22.98
CA ALA C 45 19.64 -3.47 -23.36
C ALA C 45 20.89 -2.64 -23.08
N LYS C 46 21.93 -3.32 -22.60
CA LYS C 46 23.23 -2.70 -22.38
C LYS C 46 24.28 -3.15 -23.38
N ASP C 47 23.98 -4.13 -24.22
CA ASP C 47 24.90 -4.60 -25.25
C ASP C 47 24.39 -4.17 -26.61
N THR C 48 25.29 -3.57 -27.40
CA THR C 48 24.88 -3.01 -28.70
C THR C 48 24.46 -4.11 -29.67
N THR C 49 25.17 -5.25 -29.67
CA THR C 49 24.86 -6.31 -30.61
C THR C 49 23.46 -6.87 -30.39
N GLU C 50 23.09 -7.10 -29.12
CA GLU C 50 21.75 -7.59 -28.82
C GLU C 50 20.70 -6.57 -29.24
N ALA C 51 20.97 -5.29 -29.01
CA ALA C 51 20.04 -4.25 -29.42
C ALA C 51 19.84 -4.26 -30.93
N PHE C 52 20.93 -4.41 -31.70
CA PHE C 52 20.81 -4.50 -33.15
C PHE C 52 20.02 -5.73 -33.57
N GLU C 53 20.27 -6.87 -32.91
CA GLU C 53 19.54 -8.09 -33.26
C GLU C 53 18.04 -7.90 -33.03
N LYS C 54 17.67 -7.33 -31.88
CA LYS C 54 16.26 -7.13 -31.58
C LYS C 54 15.63 -6.10 -32.52
N MET C 55 16.38 -5.05 -32.86
CA MET C 55 15.87 -4.08 -33.83
C MET C 55 15.65 -4.73 -35.18
N VAL C 56 16.57 -5.60 -35.60
CA VAL C 56 16.39 -6.32 -36.86
C VAL C 56 15.16 -7.20 -36.80
N SER C 57 14.94 -7.89 -35.68
CA SER C 57 13.76 -8.72 -35.53
C SER C 57 12.49 -7.89 -35.65
N LEU C 58 12.43 -6.75 -34.97
CA LEU C 58 11.23 -5.92 -35.01
C LEU C 58 11.01 -5.35 -36.41
N LEU C 59 12.09 -4.95 -37.08
CA LEU C 59 11.97 -4.46 -38.44
C LEU C 59 11.48 -5.56 -39.37
N SER C 60 11.93 -6.80 -39.14
CA SER C 60 11.39 -7.92 -39.92
C SER C 60 9.91 -8.12 -39.67
N VAL C 61 9.49 -7.97 -38.41
CA VAL C 61 8.06 -8.03 -38.09
C VAL C 61 7.30 -7.01 -38.92
N LEU C 62 7.80 -5.78 -38.98
CA LEU C 62 7.14 -4.75 -39.78
C LEU C 62 7.15 -5.10 -41.26
N LEU C 63 8.29 -5.59 -41.77
CA LEU C 63 8.42 -5.90 -43.18
C LEU C 63 7.50 -7.03 -43.60
N SER C 64 7.17 -7.94 -42.67
CA SER C 64 6.36 -9.09 -43.03
C SER C 64 5.00 -8.65 -43.57
N MET C 65 4.37 -7.66 -42.94
CA MET C 65 3.09 -7.15 -43.40
C MET C 65 3.31 -6.05 -44.44
ZN ZN F . -12.97 -1.35 21.86
ZN ZN G . -15.31 16.93 12.48
#